data_2Z1D
#
_entry.id   2Z1D
#
_cell.length_a   42.253
_cell.length_b   118.384
_cell.length_c   81.165
_cell.angle_alpha   90.00
_cell.angle_beta   100.89
_cell.angle_gamma   90.00
#
_symmetry.space_group_name_H-M   'P 1 21 1'
#
loop_
_entity.id
_entity.type
_entity.pdbx_description
1 polymer 'Hydrogenase expression/formation protein hypD'
2 non-polymer 'IRON/SULFUR CLUSTER'
3 water water
#
_entity_poly.entity_id   1
_entity_poly.type   'polypeptide(L)'
_entity_poly.pdbx_seq_one_letter_code
;MEEPFEAYRSREVAMKLVEKIREEAKTLDGEIRIMHV(CSD)GTHEDTVTRHGIRSLLPENVKVVSGPGCPVCITPVEDI
VAMQLIMRKAREEGEEIILTTFGDMYKIPTPMGSFADLKSEGFDVRIVYGIFDTYRIAKENPDKTVVHFSPGFETTTAPA
AGMLNVAAQEELENFKIYSVHRLTPPAVEVLLKQGTVFQGLIAPGHVSTIIGVKGWEYLTEKYGIPQVVAGFEPNDVLMA
ILMLIRMYKEGEARIINEYERAVKYEGNVVAQKMIDKFFEVVDAKWRALGVFPKSGLELRKEWKDFEIRSFYKVEVPKNL
PDLEKGCRCGAVLRGLALPTDCPLFGKTCTPRHPVGPCMVSYEGTCQIFYKYGVLF
;
_entity_poly.pdbx_strand_id   A,B
#
# COMPACT_ATOMS: atom_id res chain seq x y z
N ALA A 7 -25.79 -2.22 -31.92
CA ALA A 7 -25.46 -1.77 -33.30
C ALA A 7 -26.04 -0.38 -33.59
N TYR A 8 -27.32 -0.34 -33.92
CA TYR A 8 -27.98 0.94 -34.20
C TYR A 8 -27.93 1.79 -32.94
N ARG A 9 -28.05 1.13 -31.79
CA ARG A 9 -28.01 1.82 -30.50
C ARG A 9 -26.64 2.45 -30.23
N SER A 10 -25.58 1.69 -30.45
CA SER A 10 -24.23 2.18 -30.24
C SER A 10 -23.97 3.45 -31.05
N ARG A 11 -24.37 3.40 -32.31
CA ARG A 11 -24.20 4.53 -33.22
C ARG A 11 -24.99 5.73 -32.71
N GLU A 12 -26.19 5.46 -32.19
CA GLU A 12 -27.03 6.53 -31.67
C GLU A 12 -26.33 7.18 -30.48
N VAL A 13 -25.82 6.37 -29.56
CA VAL A 13 -25.14 6.91 -28.38
C VAL A 13 -23.89 7.69 -28.78
N ALA A 14 -23.09 7.13 -29.68
CA ALA A 14 -21.87 7.80 -30.11
C ALA A 14 -22.16 9.20 -30.65
N MET A 15 -23.15 9.32 -31.54
CA MET A 15 -23.48 10.63 -32.11
C MET A 15 -23.91 11.62 -31.03
N LYS A 16 -24.70 11.14 -30.08
CA LYS A 16 -25.17 11.98 -28.99
C LYS A 16 -24.02 12.41 -28.09
N LEU A 17 -23.09 11.50 -27.82
CA LEU A 17 -21.95 11.81 -26.97
C LEU A 17 -21.02 12.83 -27.63
N VAL A 18 -20.82 12.69 -28.94
CA VAL A 18 -19.97 13.64 -29.66
C VAL A 18 -20.62 15.01 -29.67
N GLU A 19 -21.94 15.04 -29.79
CA GLU A 19 -22.64 16.33 -29.79
C GLU A 19 -22.45 17.01 -28.42
N LYS A 20 -22.55 16.24 -27.33
CA LYS A 20 -22.38 16.81 -25.98
C LYS A 20 -20.96 17.31 -25.80
N ILE A 21 -19.98 16.55 -26.28
CA ILE A 21 -18.60 16.95 -26.19
C ILE A 21 -18.42 18.30 -26.89
N ARG A 22 -18.88 18.39 -28.13
CA ARG A 22 -18.79 19.64 -28.88
C ARG A 22 -19.44 20.79 -28.11
N GLU A 23 -20.62 20.53 -27.57
CA GLU A 23 -21.34 21.55 -26.82
C GLU A 23 -20.59 22.01 -25.57
N GLU A 24 -20.02 21.09 -24.80
CA GLU A 24 -19.29 21.45 -23.60
C GLU A 24 -17.97 22.15 -23.93
N ALA A 25 -17.29 21.66 -24.97
CA ALA A 25 -15.99 22.20 -25.38
C ALA A 25 -16.02 23.65 -25.85
N LYS A 26 -17.16 24.09 -26.38
CA LYS A 26 -17.33 25.45 -26.88
C LYS A 26 -16.94 26.50 -25.83
N THR A 27 -17.32 26.23 -24.60
CA THR A 27 -17.04 27.16 -23.51
C THR A 27 -15.80 26.84 -22.68
N LEU A 28 -14.84 26.15 -23.27
CA LEU A 28 -13.60 25.83 -22.56
C LEU A 28 -12.69 27.04 -22.64
N ASP A 29 -12.03 27.36 -21.54
CA ASP A 29 -11.12 28.50 -21.52
C ASP A 29 -10.15 28.32 -22.68
N GLY A 30 -9.36 27.26 -22.64
CA GLY A 30 -8.40 27.01 -23.69
C GLY A 30 -8.42 25.56 -24.20
N GLU A 31 -7.25 24.97 -24.38
CA GLU A 31 -7.14 23.60 -24.86
C GLU A 31 -7.02 22.59 -23.72
N ILE A 32 -7.83 21.55 -23.77
CA ILE A 32 -7.79 20.52 -22.75
C ILE A 32 -7.11 19.26 -23.31
N ARG A 33 -6.20 18.70 -22.52
CA ARG A 33 -5.49 17.48 -22.91
C ARG A 33 -5.88 16.34 -21.98
N ILE A 34 -6.32 15.25 -22.58
CA ILE A 34 -6.73 14.08 -21.82
C ILE A 34 -5.80 12.96 -22.21
N MET A 35 -5.15 12.37 -21.22
N MET A 35 -5.15 12.38 -21.23
CA MET A 35 -4.22 11.28 -21.48
CA MET A 35 -4.21 11.28 -21.50
C MET A 35 -4.76 9.92 -21.10
C MET A 35 -4.75 9.92 -21.10
N HIS A 36 -4.31 8.91 -21.79
CA HIS A 36 -4.65 7.55 -21.52
C HIS A 36 -3.28 6.85 -21.47
N VAL A 37 -3.16 5.73 -20.79
CA VAL A 37 -1.88 5.06 -20.70
C VAL A 37 -2.23 3.60 -20.94
N GLY A 39 -2.51 0.85 -24.35
CA GLY A 39 -2.48 0.53 -25.76
C GLY A 39 -3.83 0.20 -26.38
N THR A 40 -4.68 -0.50 -25.65
CA THR A 40 -5.99 -0.84 -26.22
C THR A 40 -6.85 0.40 -26.39
N HIS A 41 -6.68 1.37 -25.50
CA HIS A 41 -7.43 2.62 -25.60
C HIS A 41 -6.95 3.35 -26.85
N GLU A 42 -5.64 3.28 -27.12
CA GLU A 42 -5.08 3.92 -28.31
C GLU A 42 -5.66 3.25 -29.55
N ASP A 43 -5.70 1.93 -29.53
CA ASP A 43 -6.25 1.17 -30.66
C ASP A 43 -7.69 1.62 -30.91
N THR A 44 -8.50 1.67 -29.85
CA THR A 44 -9.89 2.12 -29.96
C THR A 44 -9.95 3.54 -30.53
N VAL A 45 -9.17 4.45 -29.95
CA VAL A 45 -9.14 5.86 -30.39
C VAL A 45 -8.78 6.02 -31.88
N THR A 46 -7.72 5.36 -32.30
CA THR A 46 -7.27 5.44 -33.67
C THR A 46 -8.17 4.63 -34.62
N ARG A 47 -8.60 3.44 -34.22
CA ARG A 47 -9.47 2.63 -35.06
C ARG A 47 -10.75 3.39 -35.43
N HIS A 48 -11.32 4.09 -34.45
CA HIS A 48 -12.56 4.81 -34.68
C HIS A 48 -12.45 6.29 -35.04
N GLY A 49 -11.24 6.75 -35.36
CA GLY A 49 -11.01 8.13 -35.76
C GLY A 49 -11.49 9.17 -34.77
N ILE A 50 -11.46 8.83 -33.49
CA ILE A 50 -11.92 9.74 -32.46
C ILE A 50 -11.19 11.07 -32.39
N ARG A 51 -9.90 11.11 -32.73
CA ARG A 51 -9.20 12.39 -32.66
C ARG A 51 -9.76 13.41 -33.64
N SER A 52 -10.18 12.96 -34.82
CA SER A 52 -10.74 13.86 -35.83
C SER A 52 -12.15 14.33 -35.51
N LEU A 53 -12.89 13.52 -34.75
CA LEU A 53 -14.27 13.84 -34.36
C LEU A 53 -14.30 14.90 -33.28
N LEU A 54 -13.27 14.92 -32.45
CA LEU A 54 -13.21 15.86 -31.35
C LEU A 54 -13.08 17.31 -31.81
N PRO A 55 -13.51 18.24 -30.95
CA PRO A 55 -13.43 19.66 -31.26
C PRO A 55 -11.94 20.00 -31.26
N GLU A 56 -11.59 21.04 -32.02
CA GLU A 56 -10.20 21.47 -32.14
C GLU A 56 -9.50 21.70 -30.79
N ASN A 57 -10.25 22.08 -29.75
CA ASN A 57 -9.64 22.34 -28.45
C ASN A 57 -9.66 21.18 -27.45
N VAL A 58 -9.87 19.97 -27.97
CA VAL A 58 -9.89 18.77 -27.14
C VAL A 58 -8.91 17.77 -27.75
N LYS A 59 -7.89 17.40 -26.98
CA LYS A 59 -6.88 16.46 -27.46
C LYS A 59 -6.79 15.20 -26.59
N VAL A 60 -6.54 14.07 -27.24
CA VAL A 60 -6.36 12.81 -26.54
C VAL A 60 -4.87 12.49 -26.69
N VAL A 61 -4.18 12.42 -25.55
CA VAL A 61 -2.76 12.15 -25.54
C VAL A 61 -2.47 10.68 -25.21
N SER A 62 -1.58 10.09 -25.97
CA SER A 62 -1.19 8.70 -25.76
C SER A 62 0.06 8.57 -24.87
N GLY A 63 -0.14 8.13 -23.63
CA GLY A 63 0.96 7.94 -22.70
C GLY A 63 1.73 6.66 -22.99
N PRO A 64 2.58 6.18 -22.07
CA PRO A 64 3.34 4.95 -22.34
C PRO A 64 2.59 3.66 -22.01
N GLY A 65 1.49 3.37 -22.70
CA GLY A 65 0.69 2.18 -22.39
C GLY A 65 1.09 0.89 -23.09
N CYS A 66 2.39 0.67 -23.20
N CYS A 66 2.38 0.69 -23.22
CA CYS A 66 2.94 -0.50 -23.86
CA CYS A 66 2.92 -0.48 -23.86
C CYS A 66 4.13 -1.03 -23.07
C CYS A 66 4.10 -1.01 -23.07
N PRO A 67 3.88 -2.05 -22.24
CA PRO A 67 4.93 -2.66 -21.40
C PRO A 67 6.11 -3.26 -22.17
N VAL A 68 5.84 -3.69 -23.40
CA VAL A 68 6.89 -4.26 -24.23
C VAL A 68 7.79 -3.13 -24.77
N CYS A 69 7.18 -2.01 -25.19
N CYS A 69 7.18 -2.01 -25.19
CA CYS A 69 7.93 -0.88 -25.72
CA CYS A 69 7.93 -0.88 -25.71
C CYS A 69 8.95 -0.33 -24.72
C CYS A 69 8.95 -0.33 -24.72
N ILE A 70 8.55 -0.24 -23.46
CA ILE A 70 9.42 0.30 -22.42
C ILE A 70 10.36 -0.64 -21.70
N THR A 71 10.42 -1.90 -22.13
CA THR A 71 11.33 -2.85 -21.50
C THR A 71 12.74 -2.39 -21.83
N PRO A 72 13.59 -2.19 -20.82
CA PRO A 72 14.94 -1.73 -21.15
C PRO A 72 15.81 -2.60 -22.03
N VAL A 73 16.62 -1.94 -22.87
CA VAL A 73 17.54 -2.61 -23.77
C VAL A 73 18.54 -3.46 -22.97
N GLU A 74 19.01 -2.93 -21.85
CA GLU A 74 19.97 -3.64 -21.01
C GLU A 74 19.44 -5.00 -20.55
N ASP A 75 18.13 -5.07 -20.24
CA ASP A 75 17.53 -6.32 -19.78
C ASP A 75 17.37 -7.33 -20.90
N ILE A 76 17.01 -6.86 -22.09
CA ILE A 76 16.88 -7.77 -23.22
C ILE A 76 18.25 -8.32 -23.56
N VAL A 77 19.24 -7.44 -23.58
CA VAL A 77 20.61 -7.83 -23.88
C VAL A 77 21.13 -8.78 -22.79
N ALA A 78 20.87 -8.43 -21.53
CA ALA A 78 21.30 -9.28 -20.43
C ALA A 78 20.72 -10.70 -20.58
N MET A 79 19.45 -10.80 -20.97
CA MET A 79 18.80 -12.11 -21.12
C MET A 79 19.57 -12.87 -22.19
N GLN A 80 19.89 -12.18 -23.28
CA GLN A 80 20.64 -12.77 -24.37
C GLN A 80 22.00 -13.26 -23.89
N LEU A 81 22.68 -12.45 -23.07
CA LEU A 81 23.99 -12.82 -22.53
C LEU A 81 23.89 -14.03 -21.59
N ILE A 82 22.78 -14.14 -20.88
CA ILE A 82 22.61 -15.28 -19.98
C ILE A 82 22.46 -16.55 -20.82
N MET A 83 21.75 -16.44 -21.94
CA MET A 83 21.57 -17.61 -22.81
C MET A 83 22.94 -18.10 -23.30
N ARG A 84 23.82 -17.16 -23.67
CA ARG A 84 25.13 -17.54 -24.15
C ARG A 84 26.00 -18.14 -23.05
N LYS A 85 25.99 -17.53 -21.88
CA LYS A 85 26.81 -18.02 -20.76
C LYS A 85 26.36 -19.41 -20.30
N ALA A 86 25.04 -19.65 -20.33
CA ALA A 86 24.50 -20.95 -19.95
C ALA A 86 24.88 -22.00 -20.98
N ARG A 87 24.87 -21.62 -22.25
CA ARG A 87 25.22 -22.58 -23.31
C ARG A 87 26.68 -23.02 -23.24
N GLU A 88 27.58 -22.08 -22.95
CA GLU A 88 29.00 -22.43 -22.87
C GLU A 88 29.28 -23.33 -21.68
N GLU A 89 28.32 -23.43 -20.77
CA GLU A 89 28.46 -24.27 -19.59
C GLU A 89 27.74 -25.60 -19.83
N GLY A 90 27.29 -25.80 -21.06
CA GLY A 90 26.60 -27.04 -21.39
C GLY A 90 25.13 -27.05 -20.99
N GLU A 91 24.63 -25.92 -20.55
CA GLU A 91 23.23 -25.79 -20.13
C GLU A 91 22.33 -25.36 -21.28
N GLU A 92 21.35 -26.21 -21.59
CA GLU A 92 20.41 -25.94 -22.66
C GLU A 92 19.20 -25.19 -22.10
N ILE A 93 19.23 -23.86 -22.19
CA ILE A 93 18.11 -23.07 -21.68
C ILE A 93 17.04 -22.89 -22.75
N ILE A 94 15.79 -22.93 -22.32
CA ILE A 94 14.68 -22.72 -23.24
C ILE A 94 14.11 -21.38 -22.80
N LEU A 95 14.19 -20.40 -23.70
CA LEU A 95 13.69 -19.06 -23.42
C LEU A 95 12.30 -18.86 -24.01
N THR A 96 11.33 -18.43 -23.21
CA THR A 96 9.99 -18.15 -23.74
C THR A 96 9.81 -16.63 -23.76
N THR A 97 9.00 -16.14 -24.69
CA THR A 97 8.78 -14.71 -24.82
C THR A 97 7.50 -14.46 -25.59
N PHE A 98 6.87 -13.32 -25.36
CA PHE A 98 5.66 -13.00 -26.12
C PHE A 98 6.13 -12.76 -27.56
N GLY A 99 5.21 -12.92 -28.52
CA GLY A 99 5.55 -12.75 -29.92
C GLY A 99 6.06 -11.38 -30.36
N ASP A 100 5.60 -10.31 -29.73
CA ASP A 100 6.09 -8.99 -30.09
C ASP A 100 7.46 -8.75 -29.45
N MET A 101 7.61 -9.10 -28.18
CA MET A 101 8.91 -8.93 -27.51
C MET A 101 9.98 -9.70 -28.29
N TYR A 102 9.60 -10.85 -28.85
CA TYR A 102 10.50 -11.69 -29.63
C TYR A 102 11.24 -10.88 -30.71
N LYS A 103 10.59 -9.86 -31.26
CA LYS A 103 11.20 -9.04 -32.33
C LYS A 103 11.61 -7.61 -31.92
N ILE A 104 11.61 -7.33 -30.62
CA ILE A 104 12.02 -6.00 -30.18
C ILE A 104 13.48 -5.84 -30.52
N PRO A 105 13.84 -4.72 -31.18
CA PRO A 105 15.24 -4.50 -31.54
C PRO A 105 16.08 -3.97 -30.38
N THR A 106 17.38 -4.21 -30.47
CA THR A 106 18.36 -3.71 -29.50
C THR A 106 19.64 -3.54 -30.32
N PRO A 107 20.60 -2.74 -29.82
CA PRO A 107 21.82 -2.59 -30.62
C PRO A 107 22.59 -3.89 -30.82
N MET A 108 22.22 -4.94 -30.08
CA MET A 108 22.89 -6.22 -30.22
C MET A 108 22.00 -7.32 -30.78
N GLY A 109 20.89 -6.93 -31.38
CA GLY A 109 20.00 -7.91 -31.96
C GLY A 109 18.80 -8.24 -31.10
N SER A 110 17.82 -8.87 -31.72
CA SER A 110 16.59 -9.24 -31.04
C SER A 110 16.63 -10.70 -30.58
N PHE A 111 15.59 -11.12 -29.89
CA PHE A 111 15.47 -12.51 -29.44
C PHE A 111 15.36 -13.38 -30.68
N ALA A 112 14.70 -12.86 -31.72
CA ALA A 112 14.56 -13.61 -32.98
C ALA A 112 15.96 -13.80 -33.60
N ASP A 113 16.81 -12.78 -33.53
CA ASP A 113 18.18 -12.90 -34.04
C ASP A 113 18.94 -13.96 -33.25
N LEU A 114 18.71 -13.97 -31.94
CA LEU A 114 19.37 -14.94 -31.08
C LEU A 114 18.90 -16.35 -31.48
N LYS A 115 17.60 -16.48 -31.76
CA LYS A 115 17.04 -17.77 -32.15
C LYS A 115 17.70 -18.29 -33.44
N SER A 116 17.93 -17.39 -34.40
CA SER A 116 18.54 -17.80 -35.66
C SER A 116 19.96 -18.30 -35.46
N GLU A 117 20.55 -18.03 -34.29
CA GLU A 117 21.90 -18.51 -34.01
C GLU A 117 21.82 -19.94 -33.48
N GLY A 118 20.61 -20.45 -33.35
CA GLY A 118 20.42 -21.80 -32.85
C GLY A 118 19.98 -21.88 -31.41
N PHE A 119 19.73 -20.75 -30.76
CA PHE A 119 19.29 -20.83 -29.37
C PHE A 119 17.83 -21.23 -29.35
N ASP A 120 17.42 -21.92 -28.29
CA ASP A 120 16.04 -22.39 -28.17
C ASP A 120 15.14 -21.27 -27.63
N VAL A 121 14.59 -20.49 -28.54
CA VAL A 121 13.71 -19.39 -28.16
C VAL A 121 12.32 -19.70 -28.68
N ARG A 122 11.34 -19.67 -27.79
CA ARG A 122 9.96 -19.98 -28.19
C ARG A 122 8.95 -18.89 -27.84
N ILE A 123 8.09 -18.61 -28.81
CA ILE A 123 7.03 -17.63 -28.63
C ILE A 123 5.90 -18.32 -27.87
N VAL A 124 5.36 -17.64 -26.87
CA VAL A 124 4.26 -18.21 -26.10
C VAL A 124 3.15 -17.17 -25.98
N TYR A 125 1.92 -17.63 -25.73
CA TYR A 125 0.80 -16.71 -25.58
C TYR A 125 0.83 -16.16 -24.14
N GLY A 126 1.29 -16.98 -23.21
CA GLY A 126 1.33 -16.54 -21.83
C GLY A 126 2.26 -17.37 -20.99
N ILE A 127 2.44 -16.95 -19.75
CA ILE A 127 3.34 -17.67 -18.88
C ILE A 127 2.83 -19.07 -18.52
N PHE A 128 1.57 -19.38 -18.82
CA PHE A 128 1.11 -20.73 -18.52
C PHE A 128 1.80 -21.68 -19.49
N ASP A 129 2.11 -21.19 -20.68
CA ASP A 129 2.82 -22.03 -21.66
C ASP A 129 4.24 -22.31 -21.13
N THR A 130 4.86 -21.32 -20.51
CA THR A 130 6.21 -21.50 -19.94
C THR A 130 6.18 -22.64 -18.90
N TYR A 131 5.17 -22.58 -18.02
CA TYR A 131 5.00 -23.60 -16.98
C TYR A 131 4.88 -25.00 -17.61
N ARG A 132 4.05 -25.11 -18.64
CA ARG A 132 3.86 -26.38 -19.33
C ARG A 132 5.18 -26.89 -19.92
N ILE A 133 5.92 -25.98 -20.56
CA ILE A 133 7.21 -26.31 -21.18
C ILE A 133 8.22 -26.73 -20.11
N ALA A 134 8.17 -26.07 -18.97
CA ALA A 134 9.07 -26.43 -17.88
C ALA A 134 8.76 -27.88 -17.49
N LYS A 135 7.46 -28.20 -17.33
CA LYS A 135 7.03 -29.55 -16.98
C LYS A 135 7.39 -30.56 -18.10
N GLU A 136 7.41 -30.09 -19.35
CA GLU A 136 7.78 -30.96 -20.46
C GLU A 136 9.30 -31.25 -20.52
N ASN A 137 10.11 -30.37 -19.93
CA ASN A 137 11.57 -30.56 -19.97
C ASN A 137 12.18 -30.40 -18.57
N PRO A 138 11.92 -31.36 -17.68
CA PRO A 138 12.46 -31.29 -16.32
C PRO A 138 14.00 -31.23 -16.25
N ASP A 139 14.66 -31.66 -17.31
CA ASP A 139 16.12 -31.65 -17.36
C ASP A 139 16.69 -30.34 -17.89
N LYS A 140 15.81 -29.42 -18.30
CA LYS A 140 16.25 -28.13 -18.85
C LYS A 140 15.72 -26.94 -18.08
N THR A 141 16.49 -25.86 -18.09
CA THR A 141 16.06 -24.64 -17.42
C THR A 141 15.13 -23.94 -18.42
N VAL A 142 13.96 -23.54 -17.95
CA VAL A 142 13.00 -22.84 -18.82
C VAL A 142 12.80 -21.48 -18.21
N VAL A 143 13.06 -20.44 -19.00
N VAL A 143 13.07 -20.45 -19.00
CA VAL A 143 12.92 -19.07 -18.52
CA VAL A 143 12.95 -19.06 -18.55
C VAL A 143 12.04 -18.20 -19.40
C VAL A 143 12.03 -18.21 -19.40
N HIS A 144 11.11 -17.48 -18.76
CA HIS A 144 10.21 -16.59 -19.49
C HIS A 144 10.74 -15.18 -19.32
N PHE A 145 11.10 -14.52 -20.43
CA PHE A 145 11.47 -13.14 -20.33
C PHE A 145 10.13 -12.49 -20.02
N SER A 146 10.00 -11.87 -18.87
CA SER A 146 8.66 -11.46 -18.47
C SER A 146 8.35 -9.96 -18.30
N PRO A 147 7.84 -9.30 -19.37
CA PRO A 147 7.46 -7.88 -19.27
C PRO A 147 5.98 -7.85 -18.89
N GLY A 148 5.40 -6.67 -18.80
CA GLY A 148 3.99 -6.58 -18.48
C GLY A 148 3.62 -5.66 -17.34
N PHE A 149 2.48 -4.99 -17.51
CA PHE A 149 1.98 -4.09 -16.48
C PHE A 149 1.18 -4.97 -15.52
N GLU A 150 0.44 -4.36 -14.60
CA GLU A 150 -0.32 -5.11 -13.61
C GLU A 150 -1.17 -6.25 -14.16
N THR A 151 -1.78 -6.03 -15.32
CA THR A 151 -2.62 -7.03 -15.95
C THR A 151 -1.88 -8.34 -16.26
N THR A 152 -0.64 -8.21 -16.67
CA THR A 152 0.17 -9.38 -17.02
C THR A 152 0.97 -9.89 -15.83
N THR A 153 1.25 -9.01 -14.87
CA THR A 153 2.00 -9.42 -13.69
C THR A 153 1.14 -10.37 -12.84
N ALA A 154 -0.16 -10.09 -12.75
CA ALA A 154 -1.05 -10.94 -11.97
C ALA A 154 -0.93 -12.43 -12.37
N PRO A 155 -1.06 -12.77 -13.67
CA PRO A 155 -0.93 -14.18 -14.02
C PRO A 155 0.47 -14.74 -13.76
N ALA A 156 1.49 -13.88 -13.88
CA ALA A 156 2.85 -14.35 -13.61
C ALA A 156 2.90 -14.76 -12.13
N ALA A 157 2.37 -13.92 -11.24
CA ALA A 157 2.35 -14.23 -9.81
C ALA A 157 1.57 -15.53 -9.56
N GLY A 158 0.48 -15.71 -10.29
CA GLY A 158 -0.32 -16.91 -10.13
C GLY A 158 0.42 -18.18 -10.48
N MET A 159 1.21 -18.13 -11.56
CA MET A 159 1.96 -19.29 -12.02
C MET A 159 3.11 -19.58 -11.06
N LEU A 160 3.72 -18.52 -10.52
CA LEU A 160 4.82 -18.66 -9.59
C LEU A 160 4.29 -19.36 -8.32
N ASN A 161 3.08 -18.99 -7.91
CA ASN A 161 2.52 -19.60 -6.72
C ASN A 161 2.30 -21.07 -6.96
N VAL A 162 1.93 -21.42 -8.19
CA VAL A 162 1.72 -22.82 -8.53
C VAL A 162 3.07 -23.54 -8.56
N ALA A 163 4.08 -22.90 -9.15
CA ALA A 163 5.40 -23.52 -9.23
C ALA A 163 6.00 -23.72 -7.84
N ALA A 164 5.74 -22.77 -6.95
CA ALA A 164 6.23 -22.79 -5.57
C ALA A 164 5.62 -23.97 -4.81
N GLN A 165 4.33 -24.20 -5.02
CA GLN A 165 3.64 -25.32 -4.36
C GLN A 165 4.20 -26.66 -4.85
N GLU A 166 4.53 -26.73 -6.13
CA GLU A 166 5.10 -27.94 -6.75
C GLU A 166 6.59 -28.06 -6.54
N GLU A 167 7.22 -26.97 -6.10
CA GLU A 167 8.66 -26.94 -5.93
C GLU A 167 9.33 -27.18 -7.28
N LEU A 168 8.76 -26.62 -8.35
CA LEU A 168 9.32 -26.77 -9.69
C LEU A 168 10.62 -25.97 -9.62
N GLU A 169 11.74 -26.60 -9.94
CA GLU A 169 13.03 -25.90 -9.84
C GLU A 169 13.65 -25.48 -11.16
N ASN A 170 13.02 -25.83 -12.27
CA ASN A 170 13.55 -25.47 -13.58
C ASN A 170 12.65 -24.43 -14.24
N PHE A 171 11.83 -23.76 -13.43
CA PHE A 171 10.90 -22.75 -13.93
C PHE A 171 11.34 -21.37 -13.44
N LYS A 172 11.83 -20.53 -14.34
CA LYS A 172 12.29 -19.20 -13.94
C LYS A 172 11.75 -18.09 -14.84
N ILE A 173 11.90 -16.85 -14.37
CA ILE A 173 11.51 -15.70 -15.15
C ILE A 173 12.60 -14.67 -15.03
N TYR A 174 12.66 -13.81 -16.03
CA TYR A 174 13.51 -12.64 -15.98
C TYR A 174 12.52 -11.53 -15.74
N SER A 175 12.41 -11.04 -14.52
CA SER A 175 11.38 -10.05 -14.25
C SER A 175 11.65 -8.62 -14.73
N VAL A 176 10.76 -8.15 -15.60
CA VAL A 176 10.83 -6.78 -16.08
C VAL A 176 9.44 -6.19 -16.02
N HIS A 177 8.68 -6.60 -15.00
CA HIS A 177 7.33 -6.12 -14.80
C HIS A 177 7.35 -4.65 -14.37
N ARG A 178 6.31 -3.93 -14.75
CA ARG A 178 6.23 -2.50 -14.47
C ARG A 178 4.87 -2.08 -13.93
N LEU A 179 4.85 -0.94 -13.24
CA LEU A 179 3.64 -0.36 -12.65
C LEU A 179 3.22 0.86 -13.47
N THR A 180 1.92 1.04 -13.65
CA THR A 180 1.39 2.13 -14.45
C THR A 180 1.25 3.50 -13.77
N PRO A 181 0.67 3.56 -12.56
CA PRO A 181 0.52 4.87 -11.91
C PRO A 181 1.80 5.73 -11.84
N PRO A 182 2.94 5.14 -11.46
CA PRO A 182 4.17 5.93 -11.39
C PRO A 182 4.50 6.64 -12.70
N ALA A 183 4.23 5.98 -13.82
CA ALA A 183 4.51 6.58 -15.12
C ALA A 183 3.72 7.85 -15.30
N VAL A 184 2.45 7.80 -14.93
CA VAL A 184 1.56 8.95 -15.04
C VAL A 184 2.11 10.11 -14.22
N GLU A 185 2.66 9.80 -13.05
CA GLU A 185 3.21 10.82 -12.17
C GLU A 185 4.45 11.47 -12.78
N VAL A 186 5.38 10.66 -13.28
CA VAL A 186 6.59 11.16 -13.89
C VAL A 186 6.32 12.05 -15.10
N LEU A 187 5.44 11.58 -15.99
CA LEU A 187 5.11 12.35 -17.18
C LEU A 187 4.62 13.73 -16.83
N LEU A 188 3.80 13.82 -15.77
CA LEU A 188 3.27 15.09 -15.33
C LEU A 188 4.40 16.01 -14.84
N LYS A 189 5.22 15.50 -13.92
CA LYS A 189 6.33 16.29 -13.39
C LYS A 189 7.36 16.66 -14.45
N GLN A 190 7.47 15.85 -15.49
CA GLN A 190 8.43 16.13 -16.55
C GLN A 190 7.84 16.92 -17.71
N GLY A 191 6.86 17.77 -17.42
CA GLY A 191 6.26 18.57 -18.46
C GLY A 191 4.94 18.04 -18.95
N THR A 192 4.97 17.08 -19.89
CA THR A 192 3.78 16.47 -20.48
C THR A 192 2.52 17.04 -19.83
N VAL A 193 1.88 17.98 -20.52
CA VAL A 193 0.69 18.61 -19.99
C VAL A 193 -0.62 17.95 -20.41
N PHE A 194 -1.49 17.76 -19.41
CA PHE A 194 -2.82 17.17 -19.58
C PHE A 194 -3.63 17.50 -18.32
N GLN A 195 -4.95 17.66 -18.48
CA GLN A 195 -5.83 18.02 -17.37
C GLN A 195 -6.84 16.94 -16.98
N GLY A 196 -6.68 15.73 -17.52
CA GLY A 196 -7.60 14.65 -17.19
C GLY A 196 -7.00 13.31 -17.55
N LEU A 197 -7.44 12.24 -16.89
CA LEU A 197 -6.92 10.92 -17.18
C LEU A 197 -7.98 9.86 -17.41
N ILE A 198 -7.83 9.10 -18.46
CA ILE A 198 -8.65 7.95 -18.75
C ILE A 198 -7.84 6.81 -18.19
N ALA A 199 -8.19 6.31 -17.02
CA ALA A 199 -7.45 5.22 -16.38
C ALA A 199 -7.65 3.91 -17.15
N PRO A 200 -6.58 3.13 -17.33
CA PRO A 200 -6.73 1.88 -18.06
C PRO A 200 -7.65 0.86 -17.41
N GLY A 201 -8.56 0.32 -18.23
CA GLY A 201 -9.52 -0.66 -17.76
C GLY A 201 -8.97 -1.95 -17.17
N HIS A 202 -8.10 -2.64 -17.90
CA HIS A 202 -7.52 -3.91 -17.42
C HIS A 202 -6.71 -3.71 -16.16
N VAL A 203 -5.75 -2.79 -16.21
CA VAL A 203 -4.92 -2.48 -15.05
C VAL A 203 -5.81 -2.21 -13.83
N SER A 204 -6.86 -1.42 -14.03
CA SER A 204 -7.79 -1.08 -12.94
C SER A 204 -8.45 -2.30 -12.36
N THR A 205 -8.69 -3.32 -13.20
CA THR A 205 -9.31 -4.55 -12.72
C THR A 205 -8.44 -5.16 -11.62
N ILE A 206 -7.14 -4.98 -11.74
CA ILE A 206 -6.25 -5.54 -10.74
C ILE A 206 -6.07 -4.61 -9.54
N ILE A 207 -5.72 -3.35 -9.79
CA ILE A 207 -5.48 -2.40 -8.70
C ILE A 207 -6.68 -1.58 -8.24
N GLY A 208 -7.81 -1.72 -8.93
CA GLY A 208 -9.02 -0.99 -8.58
C GLY A 208 -8.95 0.53 -8.58
N VAL A 209 -10.06 1.17 -8.24
CA VAL A 209 -10.11 2.64 -8.17
C VAL A 209 -9.09 3.10 -7.12
N LYS A 210 -8.98 2.33 -6.05
CA LYS A 210 -8.07 2.61 -4.95
C LYS A 210 -6.65 2.91 -5.41
N GLY A 211 -6.19 2.15 -6.41
CA GLY A 211 -4.85 2.32 -6.93
C GLY A 211 -4.53 3.60 -7.67
N TRP A 212 -5.56 4.33 -8.12
CA TRP A 212 -5.34 5.57 -8.83
C TRP A 212 -5.63 6.81 -7.98
N GLU A 213 -6.35 6.63 -6.88
CA GLU A 213 -6.73 7.74 -6.00
C GLU A 213 -5.61 8.69 -5.64
N TYR A 214 -4.46 8.17 -5.25
CA TYR A 214 -3.38 9.05 -4.86
C TYR A 214 -3.08 10.13 -5.90
N LEU A 215 -3.27 9.80 -7.18
CA LEU A 215 -3.02 10.78 -8.24
C LEU A 215 -4.03 11.92 -8.16
N THR A 216 -5.29 11.61 -7.90
CA THR A 216 -6.30 12.66 -7.79
C THR A 216 -6.07 13.45 -6.50
N GLU A 217 -5.70 12.76 -5.43
CA GLU A 217 -5.46 13.41 -4.14
C GLU A 217 -4.20 14.27 -4.15
N LYS A 218 -3.16 13.81 -4.84
CA LYS A 218 -1.90 14.54 -4.92
C LYS A 218 -1.88 15.65 -5.96
N TYR A 219 -2.40 15.37 -7.16
CA TYR A 219 -2.39 16.40 -8.22
C TYR A 219 -3.74 17.02 -8.56
N GLY A 220 -4.81 16.49 -8.00
CA GLY A 220 -6.12 17.03 -8.27
C GLY A 220 -6.63 16.75 -9.67
N ILE A 221 -5.97 15.84 -10.38
CA ILE A 221 -6.40 15.52 -11.73
C ILE A 221 -7.61 14.59 -11.69
N PRO A 222 -8.68 14.93 -12.43
CA PRO A 222 -9.88 14.09 -12.46
C PRO A 222 -9.56 12.82 -13.27
N GLN A 223 -10.25 11.73 -12.98
CA GLN A 223 -10.01 10.49 -13.70
C GLN A 223 -11.28 9.70 -13.93
N VAL A 224 -11.30 8.96 -15.04
CA VAL A 224 -12.43 8.09 -15.34
C VAL A 224 -11.87 6.73 -15.75
N VAL A 225 -12.24 5.68 -15.01
CA VAL A 225 -11.78 4.33 -15.34
C VAL A 225 -12.70 3.88 -16.45
N ALA A 226 -12.16 3.58 -17.62
CA ALA A 226 -13.01 3.20 -18.75
C ALA A 226 -12.66 1.93 -19.50
N GLY A 227 -13.69 1.33 -20.08
CA GLY A 227 -13.55 0.14 -20.89
C GLY A 227 -12.97 0.51 -22.25
N PHE A 228 -13.09 -0.39 -23.23
CA PHE A 228 -12.46 -0.17 -24.54
C PHE A 228 -13.37 0.08 -25.74
N GLU A 229 -14.69 0.06 -25.53
CA GLU A 229 -15.58 0.34 -26.64
C GLU A 229 -15.44 1.82 -26.93
N PRO A 230 -15.63 2.23 -28.19
CA PRO A 230 -15.49 3.66 -28.49
C PRO A 230 -16.40 4.51 -27.63
N ASN A 231 -17.58 4.01 -27.31
CA ASN A 231 -18.49 4.79 -26.47
C ASN A 231 -17.96 4.95 -25.03
N ASP A 232 -17.16 3.99 -24.57
CA ASP A 232 -16.55 4.08 -23.23
C ASP A 232 -15.55 5.23 -23.25
N VAL A 233 -14.78 5.31 -24.34
CA VAL A 233 -13.78 6.37 -24.48
C VAL A 233 -14.46 7.73 -24.62
N LEU A 234 -15.49 7.81 -25.46
CA LEU A 234 -16.21 9.06 -25.65
C LEU A 234 -16.85 9.55 -24.35
N MET A 235 -17.49 8.64 -23.63
CA MET A 235 -18.15 9.01 -22.37
C MET A 235 -17.10 9.53 -21.39
N ALA A 236 -15.97 8.85 -21.29
CA ALA A 236 -14.90 9.28 -20.40
C ALA A 236 -14.45 10.70 -20.75
N ILE A 237 -14.28 10.96 -22.03
CA ILE A 237 -13.87 12.30 -22.49
C ILE A 237 -14.93 13.34 -22.08
N LEU A 238 -16.21 13.03 -22.31
CA LEU A 238 -17.29 13.95 -21.97
C LEU A 238 -17.27 14.25 -20.48
N MET A 239 -17.05 13.20 -19.68
CA MET A 239 -17.01 13.33 -18.23
C MET A 239 -15.81 14.12 -17.72
N LEU A 240 -14.63 13.87 -18.28
CA LEU A 240 -13.45 14.60 -17.84
C LEU A 240 -13.58 16.09 -18.21
N ILE A 241 -14.21 16.39 -19.34
CA ILE A 241 -14.37 17.78 -19.72
C ILE A 241 -15.27 18.46 -18.67
N ARG A 242 -16.40 17.84 -18.37
CA ARG A 242 -17.31 18.39 -17.38
C ARG A 242 -16.58 18.57 -16.03
N MET A 243 -15.94 17.50 -15.55
CA MET A 243 -15.22 17.58 -14.27
C MET A 243 -14.21 18.72 -14.25
N TYR A 244 -13.50 18.91 -15.35
CA TYR A 244 -12.51 19.97 -15.45
C TYR A 244 -13.21 21.32 -15.34
N LYS A 245 -14.14 21.59 -16.26
CA LYS A 245 -14.88 22.83 -16.25
C LYS A 245 -15.49 23.08 -14.87
N GLU A 246 -16.14 22.05 -14.33
CA GLU A 246 -16.77 22.14 -13.01
C GLU A 246 -15.77 22.23 -11.87
N GLY A 247 -14.49 22.26 -12.22
CA GLY A 247 -13.45 22.35 -11.22
C GLY A 247 -13.40 21.28 -10.15
N GLU A 248 -13.73 20.04 -10.50
CA GLU A 248 -13.68 18.98 -9.50
C GLU A 248 -12.61 17.93 -9.78
N ALA A 249 -12.04 17.41 -8.70
CA ALA A 249 -11.01 16.40 -8.76
C ALA A 249 -11.57 15.13 -8.15
N ARG A 250 -12.08 14.25 -9.01
CA ARG A 250 -12.66 12.98 -8.58
C ARG A 250 -12.27 11.85 -9.53
N ILE A 251 -12.51 10.64 -9.08
CA ILE A 251 -12.25 9.47 -9.88
C ILE A 251 -13.59 8.77 -9.99
N ILE A 252 -14.05 8.59 -11.22
CA ILE A 252 -15.33 7.93 -11.45
C ILE A 252 -15.06 6.60 -12.14
N ASN A 253 -15.72 5.57 -11.66
CA ASN A 253 -15.56 4.23 -12.22
C ASN A 253 -16.67 3.94 -13.23
N GLU A 254 -16.36 4.06 -14.51
CA GLU A 254 -17.33 3.78 -15.57
C GLU A 254 -17.16 2.34 -16.08
N TYR A 255 -16.41 1.54 -15.34
CA TYR A 255 -16.14 0.17 -15.75
C TYR A 255 -16.42 -0.78 -14.58
N GLU A 256 -17.43 -0.44 -13.79
CA GLU A 256 -17.78 -1.23 -12.61
C GLU A 256 -18.07 -2.68 -12.92
N ARG A 257 -18.49 -2.96 -14.15
CA ARG A 257 -18.79 -4.33 -14.54
C ARG A 257 -17.55 -5.21 -14.48
N ALA A 258 -16.37 -4.58 -14.53
CA ALA A 258 -15.11 -5.33 -14.49
C ALA A 258 -14.14 -4.84 -13.42
N VAL A 259 -14.38 -3.64 -12.92
CA VAL A 259 -13.52 -3.06 -11.91
C VAL A 259 -14.22 -2.77 -10.58
N LYS A 260 -13.66 -3.29 -9.50
CA LYS A 260 -14.22 -3.06 -8.17
C LYS A 260 -13.41 -1.94 -7.57
N TYR A 261 -14.03 -1.16 -6.69
CA TYR A 261 -13.32 -0.06 -6.06
C TYR A 261 -12.01 -0.55 -5.45
N GLU A 262 -12.07 -1.70 -4.77
CA GLU A 262 -10.90 -2.25 -4.09
C GLU A 262 -9.94 -3.01 -5.00
N GLY A 263 -10.35 -3.24 -6.25
CA GLY A 263 -9.50 -3.96 -7.17
C GLY A 263 -9.59 -5.45 -6.88
N ASN A 264 -8.70 -6.22 -7.48
CA ASN A 264 -8.71 -7.65 -7.26
C ASN A 264 -7.75 -7.90 -6.10
N VAL A 265 -8.29 -7.97 -4.88
CA VAL A 265 -7.44 -8.16 -3.71
C VAL A 265 -6.65 -9.46 -3.75
N VAL A 266 -7.25 -10.53 -4.26
CA VAL A 266 -6.54 -11.80 -4.34
C VAL A 266 -5.26 -11.64 -5.17
N ALA A 267 -5.42 -11.08 -6.37
CA ALA A 267 -4.30 -10.85 -7.27
C ALA A 267 -3.27 -9.91 -6.67
N GLN A 268 -3.74 -8.83 -6.04
CA GLN A 268 -2.83 -7.87 -5.42
C GLN A 268 -1.93 -8.56 -4.40
N LYS A 269 -2.53 -9.39 -3.57
CA LYS A 269 -1.79 -10.11 -2.54
C LYS A 269 -0.80 -11.11 -3.15
N MET A 270 -1.23 -11.79 -4.20
CA MET A 270 -0.38 -12.76 -4.87
C MET A 270 0.85 -12.07 -5.48
N ILE A 271 0.65 -10.87 -6.05
CA ILE A 271 1.74 -10.13 -6.67
C ILE A 271 2.73 -9.66 -5.58
N ASP A 272 2.20 -9.14 -4.49
CA ASP A 272 3.04 -8.65 -3.42
C ASP A 272 3.79 -9.81 -2.74
N LYS A 273 3.20 -11.00 -2.79
CA LYS A 273 3.84 -12.15 -2.20
C LYS A 273 5.19 -12.46 -2.86
N PHE A 274 5.25 -12.39 -4.18
CA PHE A 274 6.50 -12.68 -4.87
C PHE A 274 7.31 -11.47 -5.32
N PHE A 275 6.65 -10.34 -5.57
CA PHE A 275 7.36 -9.16 -6.04
C PHE A 275 7.48 -7.99 -5.06
N GLU A 276 8.53 -7.20 -5.29
CA GLU A 276 8.84 -6.02 -4.49
C GLU A 276 9.00 -4.84 -5.48
N VAL A 277 8.48 -3.67 -5.11
CA VAL A 277 8.57 -2.50 -5.98
C VAL A 277 9.93 -1.81 -5.86
N VAL A 278 10.58 -1.58 -6.99
CA VAL A 278 11.91 -0.94 -7.00
C VAL A 278 11.96 0.17 -8.04
N ASP A 279 13.03 0.96 -8.00
CA ASP A 279 13.20 2.01 -9.00
C ASP A 279 13.52 1.20 -10.24
N ALA A 280 13.04 1.63 -11.41
CA ALA A 280 13.29 0.87 -12.63
C ALA A 280 13.40 1.72 -13.89
N LYS A 281 14.19 1.23 -14.84
CA LYS A 281 14.36 1.93 -16.08
C LYS A 281 13.18 1.66 -16.99
N TRP A 282 12.84 2.66 -17.80
CA TRP A 282 11.76 2.60 -18.79
C TRP A 282 12.47 3.05 -20.06
N ARG A 283 12.55 2.15 -21.03
CA ARG A 283 13.23 2.43 -22.29
C ARG A 283 12.84 3.78 -22.91
N ALA A 284 13.87 4.58 -23.22
CA ALA A 284 13.69 5.89 -23.83
C ALA A 284 13.09 6.93 -22.90
N LEU A 285 12.78 6.54 -21.67
CA LEU A 285 12.17 7.49 -20.74
C LEU A 285 12.94 7.77 -19.44
N GLY A 286 13.97 6.99 -19.15
CA GLY A 286 14.74 7.21 -17.93
C GLY A 286 14.35 6.28 -16.78
N VAL A 287 14.77 6.64 -15.57
CA VAL A 287 14.47 5.82 -14.40
C VAL A 287 13.30 6.42 -13.65
N PHE A 288 12.25 5.63 -13.45
CA PHE A 288 11.08 6.09 -12.73
C PHE A 288 11.17 5.45 -11.35
N PRO A 289 11.23 6.27 -10.29
CA PRO A 289 11.31 5.66 -8.97
C PRO A 289 10.10 4.78 -8.64
N LYS A 290 10.34 3.70 -7.90
CA LYS A 290 9.29 2.77 -7.48
C LYS A 290 8.29 2.48 -8.58
N SER A 291 8.79 2.06 -9.73
CA SER A 291 7.94 1.78 -10.87
C SER A 291 8.14 0.38 -11.45
N GLY A 292 9.06 -0.38 -10.86
CA GLY A 292 9.32 -1.71 -11.33
C GLY A 292 9.11 -2.77 -10.27
N LEU A 293 9.12 -4.03 -10.69
CA LEU A 293 8.93 -5.17 -9.80
C LEU A 293 10.04 -6.19 -10.00
N GLU A 294 10.56 -6.69 -8.89
CA GLU A 294 11.61 -7.69 -8.92
C GLU A 294 11.20 -8.73 -7.89
N LEU A 295 11.66 -9.96 -8.08
CA LEU A 295 11.31 -11.00 -7.13
C LEU A 295 11.90 -10.63 -5.76
N ARG A 296 11.13 -10.90 -4.70
CA ARG A 296 11.56 -10.62 -3.35
C ARG A 296 12.72 -11.55 -2.99
N LYS A 297 13.56 -11.11 -2.05
CA LYS A 297 14.71 -11.90 -1.62
C LYS A 297 14.32 -13.33 -1.25
N GLU A 298 13.13 -13.49 -0.69
N GLU A 298 13.13 -13.50 -0.69
CA GLU A 298 12.64 -14.80 -0.28
CA GLU A 298 12.67 -14.83 -0.28
C GLU A 298 12.41 -15.74 -1.46
C GLU A 298 12.41 -15.75 -1.47
N TRP A 299 12.10 -15.17 -2.62
CA TRP A 299 11.84 -15.95 -3.83
C TRP A 299 12.86 -15.76 -4.94
N LYS A 300 14.09 -15.42 -4.56
CA LYS A 300 15.18 -15.18 -5.52
C LYS A 300 15.44 -16.35 -6.46
N ASP A 301 15.18 -17.56 -6.00
CA ASP A 301 15.42 -18.73 -6.82
C ASP A 301 14.59 -18.80 -8.09
N PHE A 302 13.56 -17.95 -8.19
CA PHE A 302 12.72 -17.94 -9.39
C PHE A 302 13.24 -16.97 -10.44
N GLU A 303 14.16 -16.07 -10.06
CA GLU A 303 14.73 -15.09 -10.97
C GLU A 303 16.00 -15.64 -11.62
N ILE A 304 16.02 -15.73 -12.94
CA ILE A 304 17.17 -16.28 -13.64
C ILE A 304 18.47 -15.52 -13.33
N ARG A 305 18.39 -14.22 -13.10
CA ARG A 305 19.61 -13.46 -12.77
C ARG A 305 20.24 -13.91 -11.43
N SER A 306 19.50 -14.71 -10.66
CA SER A 306 20.06 -15.21 -9.40
C SER A 306 21.04 -16.33 -9.70
N PHE A 307 21.02 -16.82 -10.94
CA PHE A 307 21.89 -17.93 -11.32
C PHE A 307 23.03 -17.58 -12.27
N TYR A 308 22.85 -16.53 -13.05
CA TYR A 308 23.89 -16.11 -13.98
C TYR A 308 24.17 -14.64 -13.83
N LYS A 309 25.45 -14.31 -13.79
CA LYS A 309 25.86 -12.92 -13.69
C LYS A 309 26.54 -12.63 -15.03
N VAL A 310 26.11 -11.56 -15.68
CA VAL A 310 26.66 -11.21 -16.97
C VAL A 310 27.07 -9.74 -17.03
N GLU A 311 27.87 -9.40 -18.04
CA GLU A 311 28.31 -8.03 -18.20
C GLU A 311 27.68 -7.37 -19.42
N VAL A 312 26.65 -6.56 -19.19
CA VAL A 312 26.00 -5.86 -20.30
C VAL A 312 26.96 -4.75 -20.71
N PRO A 313 27.34 -4.69 -22.00
CA PRO A 313 28.25 -3.62 -22.38
C PRO A 313 27.67 -2.24 -22.15
N LYS A 314 28.55 -1.29 -21.89
CA LYS A 314 28.13 0.08 -21.64
C LYS A 314 27.94 0.83 -22.95
N ASN A 315 27.28 1.98 -22.86
CA ASN A 315 27.02 2.84 -24.00
C ASN A 315 26.07 2.29 -25.06
N LEU A 316 25.14 1.44 -24.63
CA LEU A 316 24.14 0.89 -25.55
C LEU A 316 23.03 1.92 -25.62
N PRO A 317 22.76 2.46 -26.82
CA PRO A 317 21.70 3.45 -26.94
C PRO A 317 20.31 2.80 -26.83
N ASP A 318 19.38 3.53 -26.22
CA ASP A 318 18.01 3.04 -26.06
C ASP A 318 17.30 2.89 -27.41
N LEU A 319 17.59 3.79 -28.34
CA LEU A 319 16.93 3.76 -29.65
C LEU A 319 17.86 3.90 -30.84
N GLU A 320 17.41 3.44 -32.00
CA GLU A 320 18.19 3.56 -33.22
C GLU A 320 18.09 5.01 -33.68
N LYS A 321 19.03 5.44 -34.50
CA LYS A 321 19.09 6.82 -34.99
C LYS A 321 17.80 7.41 -35.57
N GLY A 322 17.35 8.52 -35.00
CA GLY A 322 16.15 9.16 -35.51
C GLY A 322 14.82 8.69 -34.95
N CYS A 323 14.82 7.58 -34.20
CA CYS A 323 13.55 7.09 -33.62
C CYS A 323 13.02 8.09 -32.58
N ARG A 324 11.75 8.52 -32.74
CA ARG A 324 11.13 9.47 -31.81
C ARG A 324 10.23 8.77 -30.78
N CYS A 325 10.43 7.46 -30.61
N CYS A 325 10.47 7.47 -30.60
CA CYS A 325 9.64 6.68 -29.69
CA CYS A 325 9.73 6.68 -29.65
C CYS A 325 9.65 7.32 -28.28
C CYS A 325 9.63 7.37 -28.31
N GLY A 326 10.69 8.09 -27.95
CA GLY A 326 10.72 8.77 -26.68
C GLY A 326 9.62 9.82 -26.57
N ALA A 327 9.48 10.65 -27.60
CA ALA A 327 8.46 11.68 -27.61
C ALA A 327 7.08 11.02 -27.68
N VAL A 328 6.95 10.01 -28.53
CA VAL A 328 5.69 9.29 -28.69
C VAL A 328 5.21 8.68 -27.38
N LEU A 329 6.11 8.03 -26.64
CA LEU A 329 5.75 7.40 -25.36
C LEU A 329 5.37 8.45 -24.31
N ARG A 330 5.87 9.67 -24.49
CA ARG A 330 5.58 10.77 -23.56
C ARG A 330 4.29 11.47 -23.96
N GLY A 331 3.76 11.13 -25.14
CA GLY A 331 2.55 11.77 -25.61
C GLY A 331 2.85 13.16 -26.16
N LEU A 332 4.11 13.40 -26.51
CA LEU A 332 4.55 14.69 -27.04
C LEU A 332 4.59 14.70 -28.56
N ALA A 333 4.38 13.54 -29.16
CA ALA A 333 4.35 13.44 -30.62
C ALA A 333 3.59 12.19 -31.01
N LEU A 334 2.99 12.24 -32.19
CA LEU A 334 2.26 11.09 -32.70
C LEU A 334 3.21 10.42 -33.69
N PRO A 335 2.99 9.14 -34.00
CA PRO A 335 3.90 8.50 -34.95
C PRO A 335 4.04 9.26 -36.27
N THR A 336 2.99 9.94 -36.69
CA THR A 336 3.07 10.69 -37.93
C THR A 336 4.05 11.85 -37.83
N ASP A 337 4.46 12.20 -36.60
CA ASP A 337 5.43 13.28 -36.41
C ASP A 337 6.85 12.73 -36.54
N CYS A 338 6.97 11.41 -36.63
CA CYS A 338 8.28 10.81 -36.76
C CYS A 338 8.70 10.70 -38.22
N PRO A 339 9.87 11.27 -38.57
CA PRO A 339 10.35 11.22 -39.95
C PRO A 339 10.67 9.83 -40.51
N LEU A 340 10.71 8.82 -39.65
CA LEU A 340 10.99 7.47 -40.12
C LEU A 340 9.70 6.65 -40.34
N PHE A 341 8.61 7.13 -39.74
CA PHE A 341 7.32 6.46 -39.82
C PHE A 341 6.86 6.12 -41.24
N GLY A 342 6.81 4.82 -41.53
CA GLY A 342 6.38 4.37 -42.84
C GLY A 342 7.44 4.47 -43.92
N LYS A 343 8.61 4.99 -43.56
CA LYS A 343 9.71 5.10 -44.50
C LYS A 343 10.69 4.00 -44.15
N THR A 344 11.64 4.30 -43.27
CA THR A 344 12.60 3.30 -42.86
C THR A 344 12.03 2.40 -41.78
N CYS A 345 11.00 2.88 -41.07
CA CYS A 345 10.40 2.09 -40.00
C CYS A 345 8.99 1.61 -40.33
N THR A 346 8.81 0.30 -40.39
CA THR A 346 7.50 -0.30 -40.66
C THR A 346 7.44 -1.61 -39.90
N PRO A 347 6.27 -2.26 -39.89
CA PRO A 347 6.21 -3.54 -39.18
C PRO A 347 7.16 -4.58 -39.78
N ARG A 348 7.32 -4.55 -41.10
CA ARG A 348 8.22 -5.48 -41.79
C ARG A 348 9.65 -5.24 -41.31
N HIS A 349 10.08 -3.98 -41.35
CA HIS A 349 11.42 -3.61 -40.91
C HIS A 349 11.34 -2.43 -39.92
N PRO A 350 11.13 -2.76 -38.64
CA PRO A 350 11.02 -1.76 -37.57
C PRO A 350 12.34 -1.17 -37.10
N VAL A 351 12.34 0.13 -36.86
CA VAL A 351 13.53 0.81 -36.40
C VAL A 351 13.43 0.88 -34.88
N GLY A 352 12.26 1.27 -34.37
CA GLY A 352 12.06 1.39 -32.94
C GLY A 352 11.07 0.40 -32.34
N PRO A 353 11.02 0.31 -31.00
N PRO A 353 11.00 0.30 -31.00
CA PRO A 353 10.12 -0.61 -30.31
CA PRO A 353 10.10 -0.62 -30.29
C PRO A 353 8.65 -0.22 -30.46
C PRO A 353 8.59 -0.39 -30.43
N CYS A 354 8.40 1.08 -30.61
N CYS A 354 8.14 0.87 -30.49
CA CYS A 354 7.04 1.61 -30.77
CA CYS A 354 6.72 1.17 -30.62
C CYS A 354 6.30 0.96 -31.96
C CYS A 354 6.09 0.70 -31.93
N MET A 355 7.05 0.47 -32.94
N MET A 355 6.92 0.31 -32.90
CA MET A 355 6.44 -0.13 -34.15
CA MET A 355 6.41 -0.16 -34.19
C MET A 355 6.27 -1.65 -34.14
C MET A 355 6.27 -1.68 -34.17
N VAL A 356 7.00 -2.31 -33.25
CA VAL A 356 7.00 -3.76 -33.13
C VAL A 356 5.93 -4.26 -32.17
N SER A 357 5.78 -3.55 -31.07
CA SER A 357 4.83 -3.92 -30.05
C SER A 357 3.39 -3.89 -30.51
N TYR A 358 2.62 -4.87 -30.06
CA TYR A 358 1.20 -4.94 -30.39
C TYR A 358 0.45 -3.72 -29.80
N GLU A 359 0.89 -3.26 -28.63
CA GLU A 359 0.29 -2.09 -27.96
C GLU A 359 0.93 -0.79 -28.43
N GLY A 360 1.96 -0.91 -29.29
CA GLY A 360 2.69 0.24 -29.77
C GLY A 360 1.88 1.25 -30.59
N THR A 361 1.96 2.51 -30.17
CA THR A 361 1.25 3.57 -30.86
C THR A 361 1.58 3.63 -32.35
N CYS A 362 2.86 3.48 -32.68
CA CYS A 362 3.29 3.50 -34.08
C CYS A 362 2.73 2.29 -34.86
N GLN A 363 2.70 1.11 -34.24
CA GLN A 363 2.17 -0.07 -34.92
C GLN A 363 0.66 0.14 -35.09
N ILE A 364 0.03 0.71 -34.07
CA ILE A 364 -1.40 0.97 -34.12
C ILE A 364 -1.72 1.96 -35.24
N PHE A 365 -0.95 3.04 -35.33
CA PHE A 365 -1.16 4.02 -36.40
C PHE A 365 -1.00 3.38 -37.79
N TYR A 366 -0.02 2.50 -37.90
CA TYR A 366 0.26 1.82 -39.18
C TYR A 366 -0.86 0.84 -39.51
N LYS A 367 -1.21 0.02 -38.53
CA LYS A 367 -2.26 -0.99 -38.65
C LYS A 367 -3.54 -0.41 -39.24
N TYR A 368 -3.91 0.78 -38.80
CA TYR A 368 -5.13 1.40 -39.27
C TYR A 368 -4.92 2.34 -40.44
N GLY A 369 -3.76 2.22 -41.08
CA GLY A 369 -3.45 3.04 -42.23
C GLY A 369 -3.53 4.54 -42.06
N VAL A 370 -3.11 5.05 -40.91
CA VAL A 370 -3.13 6.49 -40.69
C VAL A 370 -2.15 7.12 -41.68
N LEU A 371 -2.70 7.89 -42.62
CA LEU A 371 -1.91 8.53 -43.67
C LEU A 371 -1.41 9.89 -43.22
N PHE A 372 -2.15 10.49 -42.29
CA PHE A 372 -1.85 11.81 -41.75
C PHE A 372 -0.42 12.24 -42.05
N PHE B 5 23.06 -15.33 35.72
CA PHE B 5 24.02 -15.52 34.60
C PHE B 5 23.48 -14.90 33.31
N GLU B 6 22.21 -15.18 33.01
CA GLU B 6 21.57 -14.63 31.81
C GLU B 6 21.34 -13.15 32.06
N ALA B 7 21.22 -12.78 33.32
CA ALA B 7 21.01 -11.38 33.71
C ALA B 7 22.32 -10.64 33.51
N TYR B 8 23.44 -11.30 33.83
CA TYR B 8 24.76 -10.70 33.68
C TYR B 8 25.06 -10.46 32.19
N ARG B 9 24.69 -11.43 31.35
CA ARG B 9 24.91 -11.31 29.92
C ARG B 9 24.09 -10.13 29.37
N SER B 10 22.83 -10.05 29.80
CA SER B 10 21.93 -8.99 29.36
C SER B 10 22.55 -7.61 29.67
N ARG B 11 23.13 -7.49 30.85
CA ARG B 11 23.75 -6.23 31.27
C ARG B 11 24.98 -5.88 30.43
N GLU B 12 25.81 -6.88 30.13
CA GLU B 12 27.01 -6.62 29.34
C GLU B 12 26.64 -6.12 27.95
N VAL B 13 25.67 -6.79 27.33
CA VAL B 13 25.22 -6.42 25.99
C VAL B 13 24.69 -4.99 25.97
N ALA B 14 23.85 -4.64 26.94
CA ALA B 14 23.27 -3.31 27.01
C ALA B 14 24.33 -2.22 26.96
N MET B 15 25.38 -2.37 27.77
CA MET B 15 26.45 -1.38 27.79
C MET B 15 27.23 -1.31 26.48
N LYS B 16 27.44 -2.48 25.86
CA LYS B 16 28.13 -2.56 24.58
C LYS B 16 27.31 -1.82 23.52
N LEU B 17 26.00 -1.99 23.56
CA LEU B 17 25.11 -1.34 22.59
C LEU B 17 25.07 0.16 22.79
N VAL B 18 25.03 0.59 24.05
CA VAL B 18 25.02 2.03 24.34
C VAL B 18 26.31 2.65 23.80
N GLU B 19 27.40 1.91 23.95
CA GLU B 19 28.70 2.35 23.48
C GLU B 19 28.73 2.49 21.97
N LYS B 20 28.19 1.49 21.26
CA LYS B 20 28.17 1.55 19.80
C LYS B 20 27.25 2.68 19.34
N ILE B 21 26.17 2.91 20.09
CA ILE B 21 25.24 3.98 19.72
C ILE B 21 25.95 5.33 19.81
N ARG B 22 26.64 5.60 20.92
CA ARG B 22 27.37 6.84 21.07
C ARG B 22 28.42 6.97 19.97
N GLU B 23 29.14 5.88 19.69
CA GLU B 23 30.18 5.91 18.66
C GLU B 23 29.59 6.26 17.29
N GLU B 24 28.50 5.60 16.93
CA GLU B 24 27.89 5.85 15.63
C GLU B 24 27.31 7.28 15.54
N ALA B 25 26.74 7.74 16.65
CA ALA B 25 26.11 9.07 16.70
C ALA B 25 27.07 10.24 16.45
N LYS B 26 28.31 10.10 16.91
CA LYS B 26 29.31 11.14 16.74
C LYS B 26 29.47 11.62 15.31
N THR B 27 29.06 10.78 14.37
CA THR B 27 29.18 11.10 12.95
C THR B 27 27.87 11.56 12.33
N LEU B 28 26.79 11.47 13.10
CA LEU B 28 25.48 11.91 12.64
C LEU B 28 25.52 13.36 12.22
N ASP B 29 24.89 13.67 11.10
CA ASP B 29 24.83 15.04 10.62
C ASP B 29 24.06 15.86 11.65
N GLY B 30 22.74 15.70 11.68
CA GLY B 30 21.93 16.46 12.61
C GLY B 30 21.42 15.58 13.75
N GLU B 31 20.20 15.86 14.20
CA GLU B 31 19.60 15.08 15.27
C GLU B 31 18.76 13.98 14.66
N ILE B 32 18.89 12.75 15.17
CA ILE B 32 18.09 11.66 14.64
C ILE B 32 16.94 11.35 15.62
N ARG B 33 15.73 11.19 15.11
CA ARG B 33 14.58 10.85 15.94
C ARG B 33 14.06 9.49 15.51
N ILE B 34 14.03 8.59 16.48
CA ILE B 34 13.55 7.24 16.25
C ILE B 34 12.22 7.10 16.99
N MET B 35 11.19 6.68 16.27
CA MET B 35 9.87 6.52 16.87
C MET B 35 9.45 5.09 17.13
N HIS B 36 8.71 4.88 18.22
CA HIS B 36 8.13 3.57 18.53
C HIS B 36 6.64 3.91 18.63
N VAL B 37 5.78 2.91 18.43
N VAL B 37 5.78 2.92 18.41
CA VAL B 37 4.34 3.11 18.51
CA VAL B 37 4.34 3.14 18.49
C VAL B 37 3.81 1.93 19.33
C VAL B 37 3.78 1.98 19.30
N GLY B 39 3.11 1.05 23.61
CA GLY B 39 3.22 1.35 25.03
C GLY B 39 4.16 0.47 25.81
N THR B 40 4.29 -0.80 25.41
CA THR B 40 5.20 -1.69 26.12
C THR B 40 6.64 -1.23 25.85
N HIS B 41 6.91 -0.75 24.63
CA HIS B 41 8.24 -0.25 24.31
C HIS B 41 8.51 1.01 25.13
N GLU B 42 7.50 1.86 25.30
CA GLU B 42 7.67 3.06 26.10
C GLU B 42 7.96 2.70 27.54
N ASP B 43 7.33 1.62 28.03
CA ASP B 43 7.56 1.17 29.39
C ASP B 43 9.02 0.77 29.57
N THR B 44 9.54 0.00 28.61
CA THR B 44 10.95 -0.43 28.65
C THR B 44 11.88 0.80 28.66
N VAL B 45 11.65 1.71 27.72
CA VAL B 45 12.46 2.91 27.60
C VAL B 45 12.49 3.73 28.88
N THR B 46 11.32 3.99 29.44
CA THR B 46 11.24 4.78 30.64
C THR B 46 11.72 4.02 31.88
N ARG B 47 11.33 2.75 32.00
CA ARG B 47 11.74 1.94 33.13
C ARG B 47 13.24 1.79 33.27
N HIS B 48 13.91 1.61 32.14
CA HIS B 48 15.36 1.44 32.16
C HIS B 48 16.16 2.72 31.89
N GLY B 49 15.48 3.86 31.92
CA GLY B 49 16.13 5.14 31.69
C GLY B 49 16.91 5.24 30.39
N ILE B 50 16.43 4.60 29.34
CA ILE B 50 17.12 4.63 28.04
C ILE B 50 17.33 6.02 27.44
N ARG B 51 16.37 6.95 27.63
CA ARG B 51 16.55 8.30 27.07
C ARG B 51 17.78 9.02 27.64
N SER B 52 18.05 8.86 28.93
CA SER B 52 19.21 9.51 29.56
C SER B 52 20.54 8.88 29.13
N LEU B 53 20.49 7.71 28.52
CA LEU B 53 21.69 7.03 28.08
C LEU B 53 22.14 7.44 26.68
N LEU B 54 21.20 7.86 25.85
CA LEU B 54 21.50 8.25 24.49
C LEU B 54 22.23 9.58 24.35
N PRO B 55 22.94 9.75 23.23
CA PRO B 55 23.69 10.98 22.94
C PRO B 55 22.66 12.10 22.73
N GLU B 56 23.11 13.35 22.78
CA GLU B 56 22.22 14.49 22.59
C GLU B 56 21.60 14.53 21.21
N ASN B 57 22.29 14.02 20.19
CA ASN B 57 21.70 14.04 18.87
C ASN B 57 20.85 12.80 18.54
N VAL B 58 20.53 12.00 19.57
CA VAL B 58 19.71 10.80 19.35
C VAL B 58 18.47 10.84 20.25
N LYS B 59 17.29 10.90 19.63
CA LYS B 59 16.06 10.96 20.39
C LYS B 59 15.12 9.78 20.12
N VAL B 60 14.37 9.39 21.15
CA VAL B 60 13.38 8.34 21.02
C VAL B 60 12.05 9.01 21.26
N VAL B 61 11.20 8.98 20.23
CA VAL B 61 9.89 9.60 20.33
C VAL B 61 8.80 8.56 20.51
N SER B 62 7.85 8.87 21.38
CA SER B 62 6.74 7.99 21.66
C SER B 62 5.55 8.37 20.77
N GLY B 63 5.22 7.48 19.84
CA GLY B 63 4.08 7.71 18.96
C GLY B 63 2.77 7.32 19.64
N PRO B 64 1.69 7.13 18.87
CA PRO B 64 0.39 6.75 19.45
C PRO B 64 0.24 5.25 19.69
N GLY B 65 1.04 4.70 20.60
CA GLY B 65 1.00 3.28 20.87
C GLY B 65 0.10 2.86 22.02
N CYS B 66 -1.06 3.50 22.11
N CYS B 66 -1.04 3.52 22.12
CA CYS B 66 -2.01 3.23 23.17
CA CYS B 66 -2.01 3.22 23.18
C CYS B 66 -3.42 3.24 22.59
C CYS B 66 -3.42 3.23 22.59
N PRO B 67 -3.96 2.04 22.28
CA PRO B 67 -5.30 1.93 21.70
C PRO B 67 -6.40 2.54 22.55
N VAL B 68 -6.19 2.55 23.86
CA VAL B 68 -7.21 3.14 24.72
C VAL B 68 -7.18 4.65 24.61
N CYS B 69 -5.98 5.24 24.67
N CYS B 69 -5.98 5.24 24.66
CA CYS B 69 -5.81 6.69 24.57
CA CYS B 69 -5.83 6.69 24.55
C CYS B 69 -6.48 7.28 23.33
C CYS B 69 -6.48 7.29 23.32
N ILE B 70 -6.33 6.61 22.19
CA ILE B 70 -6.88 7.11 20.94
C ILE B 70 -8.32 6.76 20.60
N THR B 71 -9.00 6.07 21.50
CA THR B 71 -10.40 5.74 21.28
C THR B 71 -11.16 7.07 21.33
N PRO B 72 -11.87 7.41 20.25
CA PRO B 72 -12.60 8.68 20.25
C PRO B 72 -13.67 8.91 21.31
N VAL B 73 -13.74 10.15 21.77
CA VAL B 73 -14.73 10.54 22.76
C VAL B 73 -16.13 10.20 22.24
N GLU B 74 -16.35 10.44 20.94
CA GLU B 74 -17.67 10.19 20.34
C GLU B 74 -18.14 8.75 20.55
N ASP B 75 -17.23 7.81 20.36
CA ASP B 75 -17.56 6.39 20.51
C ASP B 75 -17.84 6.05 21.97
N ILE B 76 -17.03 6.57 22.88
CA ILE B 76 -17.24 6.32 24.31
C ILE B 76 -18.61 6.89 24.71
N VAL B 77 -18.90 8.12 24.29
CA VAL B 77 -20.18 8.73 24.60
C VAL B 77 -21.33 7.94 23.96
N ALA B 78 -21.21 7.64 22.68
CA ALA B 78 -22.23 6.87 21.97
C ALA B 78 -22.56 5.58 22.71
N MET B 79 -21.54 4.84 23.14
CA MET B 79 -21.80 3.60 23.87
C MET B 79 -22.66 3.90 25.11
N GLN B 80 -22.35 5.00 25.79
CA GLN B 80 -23.10 5.37 26.98
C GLN B 80 -24.56 5.71 26.63
N LEU B 81 -24.74 6.39 25.49
CA LEU B 81 -26.09 6.75 25.05
C LEU B 81 -26.85 5.49 24.66
N ILE B 82 -26.15 4.54 24.04
CA ILE B 82 -26.78 3.28 23.64
C ILE B 82 -27.26 2.55 24.88
N MET B 83 -26.54 2.71 25.99
CA MET B 83 -26.92 2.07 27.24
C MET B 83 -28.23 2.68 27.75
N ARG B 84 -28.38 3.99 27.55
CA ARG B 84 -29.60 4.67 28.00
C ARG B 84 -30.76 4.32 27.04
N LYS B 85 -30.50 4.32 25.75
CA LYS B 85 -31.50 3.99 24.75
C LYS B 85 -32.01 2.55 24.91
N ALA B 86 -31.11 1.65 25.30
CA ALA B 86 -31.51 0.25 25.50
C ALA B 86 -32.39 0.14 26.74
N ARG B 87 -31.96 0.79 27.83
CA ARG B 87 -32.71 0.77 29.06
C ARG B 87 -34.14 1.31 28.83
N GLU B 88 -34.23 2.33 27.97
CA GLU B 88 -35.53 2.92 27.64
C GLU B 88 -36.50 1.89 27.05
N GLU B 89 -35.97 0.97 26.25
CA GLU B 89 -36.77 -0.07 25.62
C GLU B 89 -36.91 -1.32 26.49
N GLY B 90 -36.47 -1.23 27.74
CA GLY B 90 -36.56 -2.38 28.63
C GLY B 90 -35.45 -3.41 28.45
N GLU B 91 -34.44 -3.10 27.64
CA GLU B 91 -33.32 -4.05 27.44
C GLU B 91 -32.23 -3.79 28.47
N GLU B 92 -31.97 -4.78 29.31
CA GLU B 92 -30.94 -4.67 30.32
C GLU B 92 -29.60 -5.09 29.71
N ILE B 93 -28.73 -4.13 29.45
CA ILE B 93 -27.43 -4.43 28.86
C ILE B 93 -26.35 -4.53 29.92
N ILE B 94 -25.46 -5.51 29.76
CA ILE B 94 -24.32 -5.64 30.65
C ILE B 94 -23.16 -5.22 29.75
N LEU B 95 -22.49 -4.14 30.11
CA LEU B 95 -21.38 -3.60 29.33
C LEU B 95 -20.07 -4.04 29.96
N THR B 96 -19.18 -4.63 29.16
CA THR B 96 -17.87 -5.03 29.68
C THR B 96 -16.86 -4.05 29.09
N THR B 97 -15.73 -3.86 29.78
CA THR B 97 -14.71 -2.94 29.31
C THR B 97 -13.41 -3.20 30.05
N PHE B 98 -12.29 -2.88 29.42
CA PHE B 98 -11.02 -3.05 30.11
C PHE B 98 -10.98 -2.09 31.30
N GLY B 99 -10.16 -2.42 32.29
CA GLY B 99 -10.07 -1.60 33.48
C GLY B 99 -9.64 -0.16 33.27
N ASP B 100 -8.71 0.12 32.36
CA ASP B 100 -8.30 1.50 32.18
C ASP B 100 -9.36 2.28 31.40
N MET B 101 -9.88 1.69 30.32
CA MET B 101 -10.94 2.32 29.51
C MET B 101 -12.12 2.70 30.41
N TYR B 102 -12.36 1.86 31.41
CA TYR B 102 -13.44 2.07 32.37
C TYR B 102 -13.38 3.48 32.97
N LYS B 103 -12.17 4.01 33.16
CA LYS B 103 -11.97 5.33 33.75
C LYS B 103 -11.61 6.47 32.78
N ILE B 104 -11.52 6.19 31.50
CA ILE B 104 -11.20 7.23 30.53
C ILE B 104 -12.23 8.33 30.60
N PRO B 105 -11.79 9.59 30.68
CA PRO B 105 -12.73 10.72 30.75
C PRO B 105 -13.26 11.22 29.42
N THR B 106 -14.42 11.87 29.47
CA THR B 106 -15.05 12.49 28.29
C THR B 106 -15.85 13.66 28.86
N PRO B 107 -16.22 14.64 28.02
CA PRO B 107 -16.99 15.75 28.59
C PRO B 107 -18.33 15.35 29.19
N MET B 108 -18.75 14.11 28.95
CA MET B 108 -20.01 13.62 29.48
C MET B 108 -19.80 12.53 30.55
N GLY B 109 -18.58 12.42 31.05
CA GLY B 109 -18.30 11.41 32.07
C GLY B 109 -17.74 10.11 31.52
N SER B 110 -17.23 9.27 32.41
CA SER B 110 -16.65 7.99 32.03
C SER B 110 -17.62 6.83 32.20
N PHE B 111 -17.16 5.63 31.86
CA PHE B 111 -17.97 4.43 32.00
C PHE B 111 -18.17 4.19 33.50
N ALA B 112 -17.16 4.54 34.30
CA ALA B 112 -17.26 4.40 35.75
C ALA B 112 -18.35 5.33 36.28
N ASP B 113 -18.50 6.51 35.68
CA ASP B 113 -19.56 7.44 36.08
C ASP B 113 -20.90 6.82 35.71
N LEU B 114 -20.99 6.26 34.50
CA LEU B 114 -22.22 5.62 34.05
C LEU B 114 -22.59 4.52 35.05
N LYS B 115 -21.60 3.77 35.52
CA LYS B 115 -21.89 2.70 36.45
C LYS B 115 -22.46 3.22 37.76
N SER B 116 -21.95 4.37 38.22
CA SER B 116 -22.41 4.94 39.48
C SER B 116 -23.89 5.30 39.40
N GLU B 117 -24.43 5.44 38.19
CA GLU B 117 -25.85 5.76 37.99
C GLU B 117 -26.67 4.48 38.09
N GLY B 118 -25.99 3.34 38.21
CA GLY B 118 -26.70 2.07 38.32
C GLY B 118 -26.67 1.18 37.09
N PHE B 119 -25.91 1.55 36.06
CA PHE B 119 -25.83 0.70 34.88
C PHE B 119 -24.88 -0.47 35.17
N ASP B 120 -25.14 -1.61 34.55
CA ASP B 120 -24.30 -2.79 34.79
C ASP B 120 -23.06 -2.73 33.91
N VAL B 121 -21.99 -2.14 34.43
CA VAL B 121 -20.73 -2.02 33.70
C VAL B 121 -19.71 -2.86 34.49
N ARG B 122 -19.01 -3.75 33.81
CA ARG B 122 -18.04 -4.63 34.47
C ARG B 122 -16.66 -4.61 33.82
N ILE B 123 -15.63 -4.61 34.66
CA ILE B 123 -14.25 -4.62 34.16
C ILE B 123 -13.89 -6.04 33.79
N VAL B 124 -13.34 -6.24 32.60
CA VAL B 124 -12.93 -7.58 32.18
C VAL B 124 -11.48 -7.54 31.75
N TYR B 125 -10.82 -8.70 31.86
CA TYR B 125 -9.44 -8.81 31.45
C TYR B 125 -9.35 -8.92 29.92
N GLY B 126 -10.37 -9.55 29.33
CA GLY B 126 -10.40 -9.73 27.88
C GLY B 126 -11.77 -10.13 27.34
N ILE B 127 -11.88 -10.24 26.02
CA ILE B 127 -13.16 -10.58 25.45
C ILE B 127 -13.66 -11.98 25.80
N PHE B 128 -12.79 -12.88 26.25
CA PHE B 128 -13.25 -14.21 26.61
C PHE B 128 -14.16 -14.07 27.84
N ASP B 129 -13.91 -13.07 28.67
CA ASP B 129 -14.74 -12.83 29.86
C ASP B 129 -16.13 -12.39 29.42
N THR B 130 -16.18 -11.54 28.40
CA THR B 130 -17.44 -11.07 27.84
C THR B 130 -18.26 -12.25 27.35
N TYR B 131 -17.57 -13.22 26.76
CA TYR B 131 -18.21 -14.41 26.25
C TYR B 131 -18.82 -15.20 27.41
N ARG B 132 -18.03 -15.40 28.47
CA ARG B 132 -18.50 -16.14 29.63
C ARG B 132 -19.73 -15.46 30.25
N ILE B 133 -19.69 -14.13 30.34
CA ILE B 133 -20.77 -13.34 30.92
C ILE B 133 -22.04 -13.38 30.04
N ALA B 134 -21.85 -13.48 28.72
CA ALA B 134 -23.00 -13.57 27.83
C ALA B 134 -23.71 -14.91 28.10
N LYS B 135 -22.94 -15.97 28.34
CA LYS B 135 -23.48 -17.30 28.61
C LYS B 135 -24.08 -17.41 30.02
N GLU B 136 -23.59 -16.61 30.95
CA GLU B 136 -24.11 -16.59 32.30
C GLU B 136 -25.45 -15.83 32.32
N ASN B 137 -25.68 -15.00 31.32
CA ASN B 137 -26.91 -14.20 31.28
C ASN B 137 -27.62 -14.22 29.92
N PRO B 138 -28.15 -15.38 29.49
CA PRO B 138 -28.84 -15.44 28.19
C PRO B 138 -30.02 -14.48 28.03
N ASP B 139 -30.54 -13.97 29.14
CA ASP B 139 -31.67 -13.04 29.13
C ASP B 139 -31.25 -11.57 29.01
N LYS B 140 -29.94 -11.30 28.96
CA LYS B 140 -29.45 -9.93 28.85
C LYS B 140 -28.56 -9.80 27.61
N THR B 141 -28.44 -8.58 27.12
CA THR B 141 -27.58 -8.32 25.98
C THR B 141 -26.24 -7.92 26.59
N VAL B 142 -25.19 -8.66 26.24
CA VAL B 142 -23.86 -8.38 26.77
C VAL B 142 -22.99 -7.80 25.67
N VAL B 143 -22.49 -6.61 25.92
CA VAL B 143 -21.67 -5.87 24.95
C VAL B 143 -20.28 -5.50 25.47
N HIS B 144 -19.25 -5.82 24.68
CA HIS B 144 -17.89 -5.43 25.04
C HIS B 144 -17.52 -4.15 24.28
N PHE B 145 -17.28 -3.05 24.97
CA PHE B 145 -16.78 -1.87 24.33
C PHE B 145 -15.41 -2.30 23.90
N SER B 146 -15.16 -2.37 22.57
CA SER B 146 -13.93 -3.03 22.14
C SER B 146 -12.83 -2.24 21.41
N PRO B 147 -11.86 -1.65 22.14
CA PRO B 147 -10.76 -0.93 21.50
C PRO B 147 -9.62 -1.93 21.32
N GLY B 148 -8.53 -1.48 20.72
CA GLY B 148 -7.38 -2.35 20.55
C GLY B 148 -6.76 -2.34 19.17
N PHE B 149 -5.46 -2.55 19.16
CA PHE B 149 -4.69 -2.63 17.93
C PHE B 149 -4.74 -4.11 17.49
N GLU B 150 -3.97 -4.48 16.48
CA GLU B 150 -4.01 -5.85 15.97
C GLU B 150 -3.93 -6.95 17.03
N THR B 151 -3.06 -6.76 18.00
CA THR B 151 -2.85 -7.71 19.10
C THR B 151 -4.13 -8.07 19.84
N THR B 152 -4.97 -7.06 20.07
CA THR B 152 -6.24 -7.25 20.77
C THR B 152 -7.39 -7.61 19.85
N THR B 153 -7.26 -7.25 18.58
CA THR B 153 -8.29 -7.54 17.59
C THR B 153 -8.33 -9.04 17.26
N ALA B 154 -7.16 -9.68 17.23
CA ALA B 154 -7.10 -11.11 16.93
C ALA B 154 -7.97 -11.96 17.87
N PRO B 155 -7.82 -11.77 19.20
CA PRO B 155 -8.68 -12.60 20.07
C PRO B 155 -10.16 -12.26 19.95
N ALA B 156 -10.46 -11.02 19.58
CA ALA B 156 -11.85 -10.61 19.40
C ALA B 156 -12.42 -11.38 18.21
N ALA B 157 -11.67 -11.41 17.11
CA ALA B 157 -12.14 -12.12 15.91
C ALA B 157 -12.31 -13.59 16.24
N GLY B 158 -11.37 -14.12 17.02
CA GLY B 158 -11.45 -15.52 17.40
C GLY B 158 -12.70 -15.80 18.22
N MET B 159 -13.02 -14.90 19.12
CA MET B 159 -14.19 -15.09 19.97
C MET B 159 -15.46 -14.92 19.16
N LEU B 160 -15.43 -14.04 18.17
CA LEU B 160 -16.59 -13.82 17.32
C LEU B 160 -16.88 -15.10 16.51
N ASN B 161 -15.81 -15.79 16.11
CA ASN B 161 -15.97 -17.01 15.33
C ASN B 161 -16.67 -18.06 16.18
N VAL B 162 -16.28 -18.17 17.45
CA VAL B 162 -16.89 -19.12 18.35
C VAL B 162 -18.36 -18.75 18.61
N ALA B 163 -18.63 -17.45 18.78
CA ALA B 163 -20.01 -17.02 19.01
C ALA B 163 -20.84 -17.34 17.77
N ALA B 164 -20.24 -17.21 16.60
CA ALA B 164 -20.93 -17.50 15.34
C ALA B 164 -21.33 -18.97 15.25
N GLN B 165 -20.38 -19.87 15.50
CA GLN B 165 -20.65 -21.32 15.47
C GLN B 165 -21.75 -21.68 16.46
N GLU B 166 -21.74 -21.03 17.62
CA GLU B 166 -22.74 -21.24 18.68
C GLU B 166 -24.04 -20.52 18.43
N GLU B 167 -24.05 -19.60 17.47
CA GLU B 167 -25.24 -18.81 17.20
C GLU B 167 -25.64 -18.07 18.50
N LEU B 168 -24.64 -17.60 19.23
CA LEU B 168 -24.84 -16.86 20.48
C LEU B 168 -25.43 -15.50 20.08
N GLU B 169 -26.69 -15.26 20.44
CA GLU B 169 -27.36 -14.02 20.05
C GLU B 169 -27.28 -12.81 20.99
N ASN B 170 -26.76 -12.98 22.20
CA ASN B 170 -26.66 -11.87 23.14
C ASN B 170 -25.21 -11.43 23.38
N PHE B 171 -24.32 -11.78 22.46
CA PHE B 171 -22.90 -11.45 22.55
C PHE B 171 -22.60 -10.37 21.51
N LYS B 172 -22.26 -9.18 21.96
CA LYS B 172 -21.99 -8.09 21.02
C LYS B 172 -20.78 -7.25 21.41
N ILE B 173 -20.27 -6.49 20.44
CA ILE B 173 -19.17 -5.58 20.69
C ILE B 173 -19.47 -4.24 20.04
N TYR B 174 -18.85 -3.21 20.60
CA TYR B 174 -18.86 -1.90 20.01
C TYR B 174 -17.47 -1.81 19.43
N SER B 175 -17.29 -1.94 18.13
CA SER B 175 -15.95 -1.95 17.55
C SER B 175 -15.20 -0.62 17.41
N VAL B 176 -14.07 -0.51 18.11
CA VAL B 176 -13.22 0.69 17.98
C VAL B 176 -11.79 0.18 17.78
N HIS B 177 -11.68 -0.92 17.05
CA HIS B 177 -10.38 -1.50 16.77
C HIS B 177 -9.64 -0.61 15.78
N ARG B 178 -8.33 -0.54 15.94
CA ARG B 178 -7.50 0.30 15.11
C ARG B 178 -6.29 -0.43 14.55
N LEU B 179 -5.81 0.08 13.41
CA LEU B 179 -4.64 -0.48 12.72
C LEU B 179 -3.44 0.46 13.01
N THR B 180 -2.28 -0.11 13.29
CA THR B 180 -1.09 0.66 13.63
C THR B 180 -0.32 1.30 12.47
N PRO B 181 0.01 0.51 11.43
CA PRO B 181 0.75 1.06 10.28
C PRO B 181 0.17 2.36 9.71
N PRO B 182 -1.15 2.43 9.52
CA PRO B 182 -1.73 3.66 8.97
C PRO B 182 -1.46 4.90 9.81
N ALA B 183 -1.31 4.70 11.12
CA ALA B 183 -1.06 5.83 12.02
C ALA B 183 0.33 6.42 11.75
N VAL B 184 1.33 5.55 11.58
CA VAL B 184 2.69 5.98 11.31
C VAL B 184 2.71 6.77 10.00
N GLU B 185 1.98 6.27 9.02
CA GLU B 185 1.87 6.90 7.70
C GLU B 185 1.35 8.33 7.81
N VAL B 186 0.29 8.51 8.62
CA VAL B 186 -0.26 9.83 8.78
C VAL B 186 0.66 10.76 9.54
N LEU B 187 1.27 10.27 10.62
CA LEU B 187 2.16 11.11 11.40
C LEU B 187 3.33 11.61 10.56
N LEU B 188 3.75 10.80 9.60
CA LEU B 188 4.86 11.13 8.73
C LEU B 188 4.49 12.35 7.88
N LYS B 189 3.33 12.27 7.24
CA LYS B 189 2.85 13.35 6.37
C LYS B 189 2.45 14.61 7.12
N GLN B 190 1.92 14.46 8.33
CA GLN B 190 1.50 15.62 9.09
C GLN B 190 2.63 16.32 9.82
N GLY B 191 3.87 15.86 9.66
CA GLY B 191 4.98 16.56 10.25
C GLY B 191 5.70 15.95 11.46
N THR B 192 5.40 14.74 11.90
CA THR B 192 6.16 14.21 13.03
C THR B 192 7.53 13.97 12.41
N VAL B 193 8.60 14.35 13.09
CA VAL B 193 9.92 14.16 12.53
C VAL B 193 10.56 12.90 13.05
N PHE B 194 10.86 11.98 12.15
CA PHE B 194 11.51 10.72 12.52
C PHE B 194 12.11 10.05 11.30
N GLN B 195 13.31 9.52 11.45
CA GLN B 195 13.99 8.86 10.34
C GLN B 195 14.13 7.36 10.55
N GLY B 196 13.45 6.84 11.57
CA GLY B 196 13.51 5.42 11.84
C GLY B 196 12.33 4.98 12.70
N LEU B 197 11.91 3.73 12.53
CA LEU B 197 10.80 3.21 13.32
C LEU B 197 11.10 1.89 13.99
N ILE B 198 10.86 1.86 15.29
CA ILE B 198 10.97 0.62 16.00
C ILE B 198 9.56 0.03 15.90
N ALA B 199 9.34 -0.96 15.06
CA ALA B 199 8.00 -1.55 14.91
C ALA B 199 7.61 -2.38 16.13
N PRO B 200 6.34 -2.29 16.57
CA PRO B 200 5.84 -3.03 17.74
C PRO B 200 5.93 -4.54 17.58
N GLY B 201 6.50 -5.19 18.58
CA GLY B 201 6.66 -6.63 18.56
C GLY B 201 5.35 -7.42 18.59
N HIS B 202 4.45 -7.08 19.50
CA HIS B 202 3.17 -7.78 19.61
C HIS B 202 2.31 -7.65 18.35
N VAL B 203 2.05 -6.42 17.92
CA VAL B 203 1.26 -6.23 16.70
C VAL B 203 1.92 -7.02 15.57
N SER B 204 3.25 -6.99 15.52
CA SER B 204 3.95 -7.72 14.47
C SER B 204 3.73 -9.22 14.50
N THR B 205 3.46 -9.78 15.67
N THR B 205 3.45 -9.78 15.68
CA THR B 205 3.22 -11.22 15.77
CA THR B 205 3.22 -11.22 15.76
C THR B 205 1.98 -11.56 14.96
C THR B 205 1.99 -11.56 14.94
N ILE B 206 1.04 -10.63 14.87
CA ILE B 206 -0.17 -10.86 14.09
C ILE B 206 0.03 -10.55 12.61
N ILE B 207 0.55 -9.35 12.32
CA ILE B 207 0.71 -8.96 10.92
C ILE B 207 2.03 -9.29 10.24
N GLY B 208 3.03 -9.70 11.02
CA GLY B 208 4.34 -10.05 10.48
C GLY B 208 5.14 -8.92 9.87
N VAL B 209 6.29 -9.27 9.30
CA VAL B 209 7.09 -8.28 8.62
C VAL B 209 6.25 -7.74 7.44
N LYS B 210 5.53 -8.65 6.79
CA LYS B 210 4.69 -8.30 5.63
C LYS B 210 3.76 -7.11 5.90
N GLY B 211 3.12 -7.11 7.07
CA GLY B 211 2.22 -6.02 7.39
C GLY B 211 2.90 -4.65 7.48
N TRP B 212 4.20 -4.66 7.74
CA TRP B 212 4.95 -3.39 7.86
C TRP B 212 5.78 -2.98 6.64
N GLU B 213 6.01 -3.90 5.72
CA GLU B 213 6.85 -3.59 4.56
C GLU B 213 6.59 -2.30 3.80
N TYR B 214 5.35 -2.02 3.45
CA TYR B 214 5.08 -0.81 2.67
C TYR B 214 5.64 0.47 3.26
N LEU B 215 5.78 0.56 4.58
CA LEU B 215 6.33 1.79 5.15
C LEU B 215 7.78 1.98 4.70
N THR B 216 8.50 0.88 4.53
CA THR B 216 9.90 0.93 4.08
C THR B 216 9.90 1.01 2.54
N GLU B 217 9.26 0.03 1.90
CA GLU B 217 9.22 -0.06 0.45
C GLU B 217 8.54 1.10 -0.29
N LYS B 218 7.66 1.83 0.37
CA LYS B 218 6.98 2.94 -0.26
C LYS B 218 7.41 4.30 0.30
N TYR B 219 7.51 4.41 1.62
CA TYR B 219 7.89 5.69 2.19
C TYR B 219 9.35 5.82 2.61
N GLY B 220 10.14 4.78 2.36
CA GLY B 220 11.55 4.81 2.70
C GLY B 220 11.91 4.86 4.18
N ILE B 221 10.99 4.42 5.03
CA ILE B 221 11.26 4.43 6.46
C ILE B 221 11.98 3.16 6.91
N PRO B 222 13.21 3.29 7.41
CA PRO B 222 13.90 2.07 7.86
C PRO B 222 13.15 1.58 9.12
N GLN B 223 13.01 0.26 9.25
CA GLN B 223 12.31 -0.30 10.40
C GLN B 223 12.96 -1.52 10.99
N VAL B 224 12.82 -1.67 12.30
CA VAL B 224 13.34 -2.85 12.97
C VAL B 224 12.21 -3.36 13.87
N VAL B 225 11.77 -4.59 13.62
CA VAL B 225 10.73 -5.21 14.42
C VAL B 225 11.47 -5.65 15.68
N ALA B 226 11.02 -5.18 16.85
CA ALA B 226 11.74 -5.51 18.07
C ALA B 226 10.93 -5.96 19.29
N GLY B 227 11.57 -6.78 20.11
CA GLY B 227 10.96 -7.27 21.33
C GLY B 227 10.84 -6.18 22.38
N PHE B 228 10.70 -6.58 23.63
CA PHE B 228 10.47 -5.60 24.70
C PHE B 228 11.56 -5.51 25.76
N GLU B 229 12.64 -6.30 25.64
CA GLU B 229 13.71 -6.19 26.62
C GLU B 229 14.50 -4.92 26.30
N PRO B 230 15.25 -4.39 27.29
CA PRO B 230 16.01 -3.18 27.00
C PRO B 230 17.02 -3.37 25.85
N ASN B 231 17.63 -4.53 25.77
CA ASN B 231 18.59 -4.78 24.70
C ASN B 231 17.88 -4.81 23.34
N ASP B 232 16.62 -5.24 23.29
CA ASP B 232 15.89 -5.26 22.03
C ASP B 232 15.77 -3.81 21.54
N VAL B 233 15.32 -2.93 22.44
CA VAL B 233 15.17 -1.52 22.12
C VAL B 233 16.51 -0.88 21.73
N LEU B 234 17.55 -1.12 22.54
CA LEU B 234 18.87 -0.56 22.25
C LEU B 234 19.41 -1.04 20.91
N MET B 235 19.26 -2.33 20.63
CA MET B 235 19.72 -2.89 19.35
C MET B 235 18.95 -2.25 18.18
N ALA B 236 17.64 -2.07 18.35
CA ALA B 236 16.86 -1.46 17.25
C ALA B 236 17.39 -0.06 16.97
N ILE B 237 17.65 0.70 18.04
CA ILE B 237 18.15 2.06 17.90
C ILE B 237 19.48 2.07 17.14
N LEU B 238 20.41 1.20 17.55
CA LEU B 238 21.71 1.12 16.88
C LEU B 238 21.56 0.83 15.38
N MET B 239 20.72 -0.16 15.06
CA MET B 239 20.48 -0.55 13.68
C MET B 239 19.80 0.53 12.83
N LEU B 240 18.91 1.29 13.44
CA LEU B 240 18.22 2.37 12.72
C LEU B 240 19.19 3.53 12.44
N ILE B 241 20.07 3.81 13.40
CA ILE B 241 21.06 4.86 13.23
C ILE B 241 21.95 4.50 12.04
N ARG B 242 22.38 3.24 12.00
CA ARG B 242 23.24 2.76 10.92
C ARG B 242 22.56 2.83 9.56
N MET B 243 21.31 2.39 9.48
CA MET B 243 20.62 2.44 8.21
C MET B 243 20.48 3.89 7.73
N TYR B 244 20.19 4.78 8.67
CA TYR B 244 20.02 6.19 8.33
C TYR B 244 21.32 6.80 7.78
N LYS B 245 22.44 6.54 8.45
CA LYS B 245 23.74 7.06 8.02
C LYS B 245 24.20 6.48 6.70
N GLU B 246 23.82 5.23 6.44
CA GLU B 246 24.22 4.56 5.21
C GLU B 246 23.27 4.89 4.08
N GLY B 247 22.25 5.69 4.38
CA GLY B 247 21.29 6.07 3.37
C GLY B 247 20.53 4.87 2.88
N GLU B 248 20.49 3.83 3.70
CA GLU B 248 19.78 2.60 3.37
C GLU B 248 18.41 2.62 4.05
N ALA B 249 17.50 1.79 3.55
CA ALA B 249 16.17 1.72 4.11
C ALA B 249 15.63 0.31 3.95
N ARG B 250 15.60 -0.43 5.05
CA ARG B 250 15.07 -1.79 5.00
C ARG B 250 14.29 -2.05 6.28
N ILE B 251 13.51 -3.13 6.27
CA ILE B 251 12.79 -3.51 7.48
C ILE B 251 13.47 -4.81 7.90
N ILE B 252 13.89 -4.85 9.15
CA ILE B 252 14.58 -6.02 9.68
C ILE B 252 13.80 -6.64 10.85
N ASN B 253 13.67 -7.96 10.83
CA ASN B 253 12.98 -8.66 11.90
C ASN B 253 13.99 -9.10 12.96
N GLU B 254 14.00 -8.41 14.11
CA GLU B 254 14.91 -8.78 15.20
C GLU B 254 14.12 -9.49 16.30
N TYR B 255 12.90 -9.89 15.98
CA TYR B 255 12.05 -10.55 16.96
C TYR B 255 11.48 -11.82 16.35
N GLU B 256 12.34 -12.53 15.62
CA GLU B 256 11.94 -13.75 14.91
C GLU B 256 11.40 -14.82 15.83
N ARG B 257 11.96 -14.90 17.03
CA ARG B 257 11.49 -15.88 18.00
C ARG B 257 9.98 -15.75 18.20
N ALA B 258 9.41 -14.56 18.00
CA ALA B 258 7.97 -14.34 18.17
C ALA B 258 7.23 -13.89 16.90
N VAL B 259 7.97 -13.38 15.92
CA VAL B 259 7.36 -12.88 14.70
C VAL B 259 7.77 -13.62 13.44
N LYS B 260 6.80 -14.20 12.76
CA LYS B 260 7.09 -14.90 11.50
C LYS B 260 7.05 -13.81 10.41
N TYR B 261 7.76 -14.02 9.32
CA TYR B 261 7.76 -13.05 8.23
C TYR B 261 6.31 -12.75 7.81
N GLU B 262 5.53 -13.81 7.64
CA GLU B 262 4.14 -13.67 7.20
C GLU B 262 3.13 -13.33 8.31
N GLY B 263 3.59 -13.34 9.55
CA GLY B 263 2.69 -13.05 10.65
C GLY B 263 1.84 -14.27 10.97
N ASN B 264 0.75 -14.06 11.70
CA ASN B 264 -0.16 -15.13 12.08
C ASN B 264 -1.29 -15.18 11.04
N VAL B 265 -1.12 -16.00 10.00
CA VAL B 265 -2.12 -16.04 8.93
C VAL B 265 -3.52 -16.47 9.37
N VAL B 266 -3.61 -17.43 10.28
CA VAL B 266 -4.93 -17.86 10.74
C VAL B 266 -5.61 -16.68 11.42
N ALA B 267 -4.83 -15.89 12.17
CA ALA B 267 -5.37 -14.71 12.86
C ALA B 267 -5.80 -13.65 11.84
N GLN B 268 -4.93 -13.39 10.87
CA GLN B 268 -5.24 -12.41 9.83
C GLN B 268 -6.52 -12.78 9.09
N LYS B 269 -6.69 -14.07 8.79
CA LYS B 269 -7.88 -14.53 8.08
C LYS B 269 -9.14 -14.38 8.92
N MET B 270 -9.03 -14.67 10.21
CA MET B 270 -10.18 -14.56 11.12
C MET B 270 -10.63 -13.10 11.23
N ILE B 271 -9.67 -12.19 11.34
CA ILE B 271 -9.97 -10.77 11.44
C ILE B 271 -10.66 -10.29 10.16
N ASP B 272 -10.07 -10.62 9.02
CA ASP B 272 -10.62 -10.22 7.74
C ASP B 272 -12.04 -10.81 7.52
N LYS B 273 -12.29 -11.99 8.09
CA LYS B 273 -13.59 -12.62 7.96
C LYS B 273 -14.73 -11.78 8.54
N PHE B 274 -14.51 -11.21 9.73
CA PHE B 274 -15.55 -10.42 10.39
C PHE B 274 -15.45 -8.91 10.23
N PHE B 275 -14.23 -8.40 10.09
CA PHE B 275 -14.01 -6.96 10.00
C PHE B 275 -13.64 -6.42 8.65
N GLU B 276 -13.97 -5.14 8.47
CA GLU B 276 -13.70 -4.38 7.25
C GLU B 276 -12.94 -3.10 7.63
N VAL B 277 -11.89 -2.81 6.87
CA VAL B 277 -11.06 -1.62 7.10
C VAL B 277 -11.78 -0.36 6.61
N VAL B 278 -11.81 0.67 7.45
CA VAL B 278 -12.47 1.93 7.11
C VAL B 278 -11.68 3.13 7.63
N ASP B 279 -12.11 4.32 7.24
CA ASP B 279 -11.46 5.53 7.73
C ASP B 279 -11.94 5.62 9.18
N ALA B 280 -11.10 6.13 10.07
CA ALA B 280 -11.49 6.20 11.47
C ALA B 280 -10.82 7.35 12.19
N LYS B 281 -11.46 7.79 13.28
CA LYS B 281 -10.93 8.87 14.09
C LYS B 281 -10.04 8.34 15.20
N TRP B 282 -9.06 9.16 15.56
CA TRP B 282 -8.12 8.85 16.63
C TRP B 282 -8.20 10.06 17.55
N ARG B 283 -8.62 9.83 18.79
CA ARG B 283 -8.74 10.90 19.77
C ARG B 283 -7.53 11.83 19.80
N ALA B 284 -7.80 13.13 19.72
CA ALA B 284 -6.80 14.19 19.74
C ALA B 284 -5.92 14.21 18.48
N LEU B 285 -6.19 13.32 17.53
CA LEU B 285 -5.36 13.25 16.33
C LEU B 285 -6.07 13.46 14.99
N GLY B 286 -7.39 13.50 14.99
CA GLY B 286 -8.10 13.68 13.74
C GLY B 286 -8.49 12.36 13.11
N VAL B 287 -8.78 12.40 11.81
CA VAL B 287 -9.19 11.22 11.08
C VAL B 287 -8.08 10.63 10.23
N PHE B 288 -7.75 9.37 10.48
CA PHE B 288 -6.72 8.67 9.75
C PHE B 288 -7.41 7.73 8.75
N PRO B 289 -7.11 7.90 7.46
CA PRO B 289 -7.73 7.03 6.45
C PRO B 289 -7.37 5.55 6.61
N LYS B 290 -8.30 4.67 6.23
CA LYS B 290 -8.12 3.22 6.32
C LYS B 290 -7.35 2.79 7.56
N SER B 291 -7.70 3.36 8.71
CA SER B 291 -7.01 3.04 9.96
C SER B 291 -7.86 2.37 11.04
N GLY B 292 -9.11 2.06 10.73
CA GLY B 292 -9.99 1.44 11.71
C GLY B 292 -10.76 0.23 11.19
N LEU B 293 -11.40 -0.50 12.09
CA LEU B 293 -12.13 -1.70 11.70
C LEU B 293 -13.57 -1.72 12.19
N GLU B 294 -14.46 -2.17 11.33
CA GLU B 294 -15.86 -2.28 11.72
C GLU B 294 -16.37 -3.63 11.20
N LEU B 295 -17.37 -4.19 11.87
CA LEU B 295 -17.90 -5.48 11.44
C LEU B 295 -18.52 -5.35 10.05
N ARG B 296 -18.28 -6.36 9.22
CA ARG B 296 -18.82 -6.37 7.86
C ARG B 296 -20.34 -6.50 7.92
N LYS B 297 -21.01 -6.07 6.84
CA LYS B 297 -22.47 -6.14 6.75
C LYS B 297 -22.96 -7.54 7.12
N GLU B 298 -22.36 -8.55 6.52
CA GLU B 298 -22.75 -9.92 6.79
C GLU B 298 -22.75 -10.24 8.29
N TRP B 299 -21.85 -9.62 9.04
CA TRP B 299 -21.75 -9.88 10.47
C TRP B 299 -22.25 -8.73 11.36
N LYS B 300 -23.10 -7.88 10.80
CA LYS B 300 -23.65 -6.73 11.51
C LYS B 300 -24.37 -7.06 12.82
N ASP B 301 -24.97 -8.24 12.92
CA ASP B 301 -25.68 -8.60 14.16
C ASP B 301 -24.77 -8.61 15.39
N PHE B 302 -23.45 -8.62 15.17
CA PHE B 302 -22.49 -8.63 16.25
C PHE B 302 -22.10 -7.23 16.75
N GLU B 303 -22.48 -6.21 16.00
CA GLU B 303 -22.18 -4.82 16.37
C GLU B 303 -23.40 -4.21 17.06
N ILE B 304 -23.19 -3.71 18.28
CA ILE B 304 -24.28 -3.13 19.05
C ILE B 304 -24.94 -1.91 18.39
N ARG B 305 -24.19 -1.19 17.56
CA ARG B 305 -24.75 -0.01 16.89
C ARG B 305 -25.78 -0.40 15.82
N SER B 306 -25.79 -1.67 15.45
CA SER B 306 -26.74 -2.15 14.45
C SER B 306 -28.12 -2.17 15.09
N PHE B 307 -28.16 -2.22 16.42
CA PHE B 307 -29.42 -2.28 17.17
C PHE B 307 -29.88 -0.98 17.78
N TYR B 308 -28.98 -0.02 17.94
CA TYR B 308 -29.35 1.25 18.53
C TYR B 308 -28.70 2.38 17.80
N LYS B 309 -29.54 3.32 17.37
CA LYS B 309 -29.08 4.51 16.67
C LYS B 309 -29.10 5.61 17.72
N VAL B 310 -28.00 6.33 17.86
CA VAL B 310 -27.93 7.41 18.84
C VAL B 310 -27.32 8.68 18.27
N GLU B 311 -27.60 9.81 18.91
CA GLU B 311 -27.09 11.11 18.46
C GLU B 311 -26.13 11.71 19.48
N VAL B 312 -24.84 11.61 19.22
CA VAL B 312 -23.85 12.17 20.14
C VAL B 312 -23.83 13.69 19.95
N PRO B 313 -23.99 14.45 21.05
CA PRO B 313 -23.99 15.92 20.95
C PRO B 313 -22.74 16.50 20.29
N LYS B 314 -22.96 17.54 19.49
CA LYS B 314 -21.89 18.21 18.79
C LYS B 314 -21.03 19.06 19.72
N ASN B 315 -19.85 19.41 19.25
CA ASN B 315 -18.92 20.24 20.00
C ASN B 315 -18.38 19.66 21.30
N LEU B 316 -18.23 18.34 21.35
CA LEU B 316 -17.63 17.73 22.54
C LEU B 316 -16.15 17.77 22.23
N PRO B 317 -15.35 18.38 23.11
CA PRO B 317 -13.90 18.43 22.87
C PRO B 317 -13.18 17.13 23.20
N ASP B 318 -12.22 16.77 22.36
CA ASP B 318 -11.43 15.56 22.59
C ASP B 318 -10.72 15.58 23.94
N LEU B 319 -10.30 16.77 24.37
CA LEU B 319 -9.54 16.89 25.61
C LEU B 319 -9.95 18.01 26.56
N GLU B 320 -9.64 17.82 27.85
CA GLU B 320 -9.92 18.82 28.85
C GLU B 320 -8.87 19.94 28.67
N LYS B 321 -9.21 21.14 29.13
CA LYS B 321 -8.36 22.32 29.01
C LYS B 321 -6.90 22.16 29.45
N GLY B 322 -5.97 22.46 28.56
CA GLY B 322 -4.56 22.36 28.90
C GLY B 322 -3.85 21.05 28.64
N CYS B 323 -4.61 19.98 28.39
CA CYS B 323 -4.01 18.66 28.15
C CYS B 323 -3.23 18.61 26.84
N ARG B 324 -1.98 18.18 26.93
CA ARG B 324 -1.07 18.06 25.78
C ARG B 324 -1.03 16.64 25.18
N CYS B 325 -2.01 15.81 25.52
N CYS B 325 -2.02 15.81 25.51
CA CYS B 325 -2.04 14.44 25.04
CA CYS B 325 -2.05 14.45 24.99
C CYS B 325 -1.95 14.35 23.51
C CYS B 325 -1.87 14.39 23.50
N GLY B 326 -2.35 15.41 22.82
CA GLY B 326 -2.26 15.42 21.36
C GLY B 326 -0.80 15.51 20.89
N ALA B 327 -0.02 16.35 21.57
CA ALA B 327 1.38 16.50 21.22
C ALA B 327 2.12 15.24 21.67
N VAL B 328 1.78 14.75 22.86
CA VAL B 328 2.41 13.55 23.38
C VAL B 328 2.16 12.37 22.44
N LEU B 329 0.92 12.17 22.01
CA LEU B 329 0.60 11.06 21.09
C LEU B 329 1.28 11.18 19.72
N ARG B 330 1.55 12.41 19.31
CA ARG B 330 2.23 12.65 18.02
C ARG B 330 3.74 12.51 18.16
N GLY B 331 4.20 12.33 19.40
CA GLY B 331 5.63 12.19 19.64
C GLY B 331 6.35 13.52 19.48
N LEU B 332 5.62 14.60 19.76
CA LEU B 332 6.17 15.95 19.67
C LEU B 332 6.49 16.48 21.06
N ALA B 333 6.02 15.79 22.10
CA ALA B 333 6.27 16.22 23.48
C ALA B 333 6.26 15.05 24.43
N LEU B 334 6.98 15.19 25.53
CA LEU B 334 7.00 14.14 26.55
C LEU B 334 6.04 14.60 27.64
N PRO B 335 5.58 13.68 28.49
CA PRO B 335 4.66 14.15 29.53
C PRO B 335 5.24 15.28 30.38
N THR B 336 6.57 15.28 30.58
CA THR B 336 7.22 16.33 31.36
C THR B 336 7.13 17.72 30.68
N ASP B 337 6.63 17.77 29.45
CA ASP B 337 6.47 19.07 28.76
C ASP B 337 5.05 19.60 29.00
N CYS B 338 4.21 18.79 29.63
CA CYS B 338 2.85 19.23 29.92
C CYS B 338 2.82 19.92 31.27
N PRO B 339 2.36 21.17 31.31
CA PRO B 339 2.32 21.89 32.59
C PRO B 339 1.41 21.26 33.64
N LEU B 340 0.51 20.38 33.21
CA LEU B 340 -0.41 19.74 34.15
C LEU B 340 0.15 18.46 34.74
N PHE B 341 1.08 17.84 34.03
CA PHE B 341 1.70 16.58 34.45
C PHE B 341 2.18 16.59 35.89
N GLY B 342 1.69 15.63 36.68
CA GLY B 342 2.11 15.55 38.07
C GLY B 342 1.58 16.68 38.93
N LYS B 343 0.88 17.63 38.33
CA LYS B 343 0.29 18.73 39.08
C LYS B 343 -1.18 18.36 39.25
N THR B 344 -2.04 18.89 38.38
CA THR B 344 -3.46 18.60 38.45
C THR B 344 -3.78 17.28 37.76
N CYS B 345 -2.83 16.75 36.99
CA CYS B 345 -3.03 15.47 36.31
C CYS B 345 -2.13 14.41 36.91
N THR B 346 -2.73 13.47 37.62
CA THR B 346 -2.01 12.37 38.23
C THR B 346 -2.92 11.18 38.06
N PRO B 347 -2.40 9.96 38.25
CA PRO B 347 -3.28 8.81 38.08
C PRO B 347 -4.49 8.82 39.01
N ARG B 348 -4.34 9.42 40.20
CA ARG B 348 -5.45 9.49 41.15
C ARG B 348 -6.53 10.42 40.59
N HIS B 349 -6.11 11.58 40.06
CA HIS B 349 -7.03 12.52 39.46
C HIS B 349 -6.46 12.98 38.12
N PRO B 350 -6.75 12.22 37.05
CA PRO B 350 -6.26 12.53 35.72
C PRO B 350 -7.11 13.56 34.97
N VAL B 351 -6.47 14.25 34.02
CA VAL B 351 -7.13 15.25 33.21
C VAL B 351 -7.35 14.68 31.80
N GLY B 352 -6.30 14.05 31.25
CA GLY B 352 -6.38 13.49 29.91
C GLY B 352 -6.30 11.97 29.85
N PRO B 353 -6.56 11.39 28.66
N PRO B 353 -6.61 11.37 28.68
CA PRO B 353 -6.50 9.93 28.53
CA PRO B 353 -6.57 9.91 28.52
C PRO B 353 -5.10 9.35 28.61
C PRO B 353 -5.25 9.19 28.72
N CYS B 354 -4.09 10.19 28.35
N CYS B 354 -4.14 9.81 28.32
CA CYS B 354 -2.69 9.77 28.38
CA CYS B 354 -2.82 9.18 28.45
C CYS B 354 -2.27 9.27 29.77
C CYS B 354 -2.34 8.98 29.89
N MET B 355 -2.89 9.80 30.83
N MET B 355 -3.00 9.62 30.84
CA MET B 355 -2.55 9.41 32.21
CA MET B 355 -2.62 9.48 32.25
C MET B 355 -3.35 8.20 32.72
C MET B 355 -3.43 8.33 32.84
N VAL B 356 -4.54 8.00 32.18
CA VAL B 356 -5.42 6.90 32.61
C VAL B 356 -5.06 5.55 32.04
N SER B 357 -4.72 5.53 30.75
CA SER B 357 -4.37 4.30 30.08
C SER B 357 -3.14 3.60 30.65
N TYR B 358 -3.22 2.29 30.75
CA TYR B 358 -2.09 1.50 31.24
C TYR B 358 -0.89 1.68 30.31
N GLU B 359 -1.19 1.84 29.02
CA GLU B 359 -0.17 2.01 27.98
C GLU B 359 0.13 3.48 27.71
N GLY B 360 -0.50 4.38 28.45
CA GLY B 360 -0.30 5.80 28.25
C GLY B 360 1.10 6.28 28.62
N THR B 361 1.70 7.11 27.79
CA THR B 361 3.04 7.61 28.06
C THR B 361 3.09 8.39 29.38
N CYS B 362 2.10 9.25 29.63
CA CYS B 362 2.10 10.02 30.87
C CYS B 362 1.98 9.09 32.07
N GLN B 363 1.11 8.09 31.97
CA GLN B 363 0.95 7.14 33.06
C GLN B 363 2.26 6.40 33.30
N ILE B 364 2.94 6.04 32.22
CA ILE B 364 4.22 5.33 32.34
C ILE B 364 5.27 6.21 33.03
N PHE B 365 5.36 7.46 32.62
CA PHE B 365 6.32 8.39 33.23
C PHE B 365 6.04 8.52 34.73
N TYR B 366 4.78 8.71 35.11
CA TYR B 366 4.43 8.87 36.53
C TYR B 366 4.68 7.58 37.33
N LYS B 367 4.35 6.46 36.71
CA LYS B 367 4.51 5.13 37.30
C LYS B 367 5.96 4.86 37.74
N TYR B 368 6.90 5.38 36.97
CA TYR B 368 8.31 5.17 37.30
C TYR B 368 8.95 6.34 38.03
N GLY B 369 8.13 7.27 38.49
CA GLY B 369 8.66 8.41 39.23
C GLY B 369 9.36 9.47 38.42
N VAL B 370 9.17 9.46 37.12
CA VAL B 370 9.77 10.46 36.25
C VAL B 370 8.82 11.66 36.24
N LEU B 371 8.90 12.48 37.28
CA LEU B 371 8.07 13.66 37.39
C LEU B 371 8.90 14.83 36.84
N PHE B 372 10.18 14.52 36.60
CA PHE B 372 11.20 15.45 36.11
C PHE B 372 10.98 16.86 36.59
#